data_9BI6
#
_entry.id   9BI6
#
_cell.length_a   1.00
_cell.length_b   1.00
_cell.length_c   1.00
_cell.angle_alpha   90.00
_cell.angle_beta   90.00
_cell.angle_gamma   90.00
#
_symmetry.space_group_name_H-M   'P 1'
#
loop_
_entity.id
_entity.type
_entity.pdbx_description
1 polymer miniGsq
2 polymer 'Guanine nucleotide-binding protein G(I)/G(S)/G(T) subunit beta-1'
3 polymer 'Guanine nucleotide-binding protein G(I)/G(S)/G(O) subunit gamma-2'
4 polymer Nb35
5 polymer 'Ovarian cancer G-protein coupled receptor 1'
6 non-polymer 'CHOLESTEROL HEMISUCCINATE'
#
loop_
_entity_poly.entity_id
_entity_poly.type
_entity_poly.pdbx_seq_one_letter_code
_entity_poly.pdbx_strand_id
1 'polypeptide(L)'
;GIEKQLQKDKQVYRATHRLLLLGADNSGKSTIVKQMRILHGGSGGSGGTSGIFETKFQVDKVNFHMFDVGGQRDERRKWI
QCFNDVTAIIFVVDSSDYNRLQEALNDFKSIWNNRWLRTISVILFLNKQDLLAEKVLAGKSKIEDYFPEFARYTTPEDAT
PEPGEDPRVTRAKYFIRDEFLRISTASGDGRHYCYPHFTCAVDTENARRIFNDCKDIILQMNLREYNLV
;
A
2 'polypeptide(L)'
;MHHHHHHLEVLFQGPEDQVDPRLIDGKGSSGSELDQLRQEAEQLKNQIRDARKACADATLSQITNNIDPVGRIQMRTRRT
LRGHLAKIYAMHWGTDSRLLVSASQDGKLIIWDSYTTNKVHAIPLRSSWVMTCAYAPSGNYVACGGLDNICSIYNLKTRE
GNVRVSRELAGHTGYLSCCRFLDDNQIVTSSGDTTCALWDIETGQQTTTFTGHTGDVMSLSLAPDTRLFVSGACDASAKL
WDVREGMCRQTFTGHESDINAICFFPNGNAFATGSDDATCRLFDLRADQELMTYSHDNIICGITSVSFSKSGRLLLAGYD
DFNCNVWDALKADRAGVLAGHDNRVSCLGVTDDGMAVATGSWDSFLKIWN
;
B
3 'polypeptide(L)' MASNNTASIAQARKLVEQLKMEANIDRIKVSKAAADLMAYCEAHAKEDPLLTPVPASENPFREKKFFC G
4 'polypeptide(L)'
;QVQLQESGGGLVQPGGSLRLSCAASGFTFSNYKMNWVRQAPGKGLEWVSDISQSGASISYTGSVKGRFTISRDNAKNTLY
LQMNSLKPEDTAVYYCARCPAPFTRDCFDVTSTTYAYRGQGTQVTVSSGSEDQVDPRLIDGK
;
N
5 'polypeptide(L)'
;DYKDDDDASIDMGNITADNSSMSCTIDHTIHQTLAPVVYVTVLVVGFPANCLSLYFGYLQIKARNELGVYLCNLTVADLF
YICSLPFWLQYVLQHDNWSHGDLSCQVCGILLYENIYISVGFLCCISVDRYLAVAHPFRFHQFRTLKAAVGVSVVIWAKE
LLTSIYFLMHEEVIEDENQHRVCFEHYPIQAWQRAINYYRFLVGFLFPICLLLASYQGILRAVRRSHGTQKSRKDQIQRL
VLSTVVIFLACFLPYHVLLLVRSVWEASCDFAKGVFNAYHFSLLLTSFNCVADPVLYCFVSETTHRDLARLRGACLAFLT
CSRTGRAREAYPLGAPEASGKSGAQGEEPELLTKLHPAFQTPNSPGSGGFPTGRLA
;
R
#
loop_
_chem_comp.id
_chem_comp.type
_chem_comp.name
_chem_comp.formula
Y01 non-polymer 'CHOLESTEROL HEMISUCCINATE' 'C31 H50 O4'
#
# COMPACT_ATOMS: atom_id res chain seq x y z
N GLY A 1 -18.04 -3.36 -25.56
CA GLY A 1 -17.37 -2.06 -25.28
C GLY A 1 -17.12 -1.83 -23.81
N ILE A 2 -16.84 -2.92 -23.08
CA ILE A 2 -16.57 -2.81 -21.65
C ILE A 2 -15.21 -2.16 -21.42
N GLU A 3 -14.22 -2.51 -22.25
CA GLU A 3 -12.85 -2.06 -22.01
C GLU A 3 -12.73 -0.54 -22.13
N LYS A 4 -13.37 0.06 -23.15
CA LYS A 4 -13.29 1.50 -23.32
C LYS A 4 -13.90 2.24 -22.13
N GLN A 5 -15.09 1.79 -21.70
CA GLN A 5 -15.72 2.40 -20.55
C GLN A 5 -14.86 2.25 -19.30
N LEU A 6 -14.27 1.07 -19.12
CA LEU A 6 -13.42 0.86 -17.95
C LEU A 6 -12.19 1.77 -17.98
N GLN A 7 -11.60 1.96 -19.15
CA GLN A 7 -10.46 2.87 -19.26
C GLN A 7 -10.87 4.30 -18.93
N LYS A 8 -12.02 4.74 -19.45
CA LYS A 8 -12.48 6.09 -19.15
C LYS A 8 -12.71 6.27 -17.65
N ASP A 9 -13.36 5.29 -17.02
CA ASP A 9 -13.62 5.39 -15.59
C ASP A 9 -12.33 5.31 -14.78
N LYS A 10 -11.34 4.56 -15.25
CA LYS A 10 -10.03 4.56 -14.57
C LYS A 10 -9.39 5.92 -14.66
N GLN A 11 -9.49 6.58 -15.81
CA GLN A 11 -8.97 7.94 -15.94
C GLN A 11 -9.67 8.88 -14.97
N VAL A 12 -11.01 8.72 -14.84
CA VAL A 12 -11.76 9.57 -13.92
C VAL A 12 -11.34 9.30 -12.48
N TYR A 13 -11.02 8.04 -12.16
CA TYR A 13 -10.83 7.65 -10.76
C TYR A 13 -9.68 8.41 -10.12
N ARG A 14 -8.50 8.40 -10.74
CA ARG A 14 -7.32 8.99 -10.12
C ARG A 14 -7.37 10.52 -10.10
N ALA A 15 -8.33 11.12 -10.79
CA ALA A 15 -8.45 12.58 -10.82
C ALA A 15 -9.01 13.16 -9.54
N THR A 16 -9.80 12.39 -8.79
CA THR A 16 -10.47 12.86 -7.59
C THR A 16 -9.81 12.28 -6.35
N HIS A 17 -10.02 12.94 -5.21
CA HIS A 17 -9.36 12.61 -3.95
C HIS A 17 -10.40 12.32 -2.89
N ARG A 18 -10.16 11.26 -2.11
CA ARG A 18 -11.04 10.87 -1.02
C ARG A 18 -10.52 11.38 0.32
N LEU A 19 -11.44 11.61 1.24
CA LEU A 19 -11.11 12.07 2.58
C LEU A 19 -12.04 11.40 3.58
N LEU A 20 -11.55 11.22 4.80
CA LEU A 20 -12.34 10.69 5.91
C LEU A 20 -12.46 11.74 6.99
N LEU A 21 -13.66 11.94 7.49
CA LEU A 21 -13.97 12.96 8.48
C LEU A 21 -14.23 12.31 9.84
N LEU A 22 -13.40 12.67 10.84
CA LEU A 22 -13.49 12.07 12.16
C LEU A 22 -13.56 13.15 13.22
N GLY A 23 -14.20 12.81 14.33
CA GLY A 23 -14.39 13.77 15.42
C GLY A 23 -15.44 13.26 16.37
N ALA A 24 -15.76 14.10 17.35
CA ALA A 24 -16.74 13.80 18.37
C ALA A 24 -18.00 14.65 18.17
N ASP A 25 -19.01 14.38 19.00
CA ASP A 25 -20.28 15.07 18.86
C ASP A 25 -20.13 16.56 19.11
N ASN A 26 -19.37 16.94 20.14
CA ASN A 26 -19.22 18.36 20.46
C ASN A 26 -18.34 19.07 19.43
N SER A 27 -17.53 18.33 18.69
CA SER A 27 -16.70 18.94 17.66
C SER A 27 -17.53 19.24 16.43
N GLY A 28 -17.59 20.51 16.05
CA GLY A 28 -18.42 20.91 14.94
C GLY A 28 -17.85 20.47 13.61
N LYS A 29 -17.73 19.16 13.40
CA LYS A 29 -17.13 18.66 12.17
C LYS A 29 -18.08 18.73 10.99
N SER A 30 -19.39 18.78 11.23
CA SER A 30 -20.34 18.89 10.13
C SER A 30 -20.32 20.26 9.47
N THR A 31 -19.92 21.30 10.21
CA THR A 31 -19.83 22.64 9.66
C THR A 31 -18.42 22.98 9.16
N ILE A 32 -17.46 22.07 9.33
CA ILE A 32 -16.09 22.31 8.90
C ILE A 32 -16.04 22.53 7.39
N ILE A 52 -24.64 7.13 5.53
CA ILE A 52 -23.34 7.85 5.67
C ILE A 52 -23.29 9.00 4.66
N PHE A 53 -23.03 10.21 5.15
CA PHE A 53 -23.08 11.41 4.33
C PHE A 53 -21.90 11.44 3.36
N GLU A 54 -22.14 12.06 2.19
CA GLU A 54 -21.11 12.30 1.21
C GLU A 54 -21.09 13.79 0.87
N THR A 55 -19.90 14.37 0.83
CA THR A 55 -19.70 15.77 0.48
C THR A 55 -18.75 15.84 -0.70
N LYS A 56 -18.99 16.78 -1.60
CA LYS A 56 -18.14 17.00 -2.76
C LYS A 56 -17.86 18.49 -2.89
N PHE A 57 -16.60 18.86 -3.06
CA PHE A 57 -16.23 20.24 -3.30
C PHE A 57 -15.01 20.27 -4.20
N GLN A 58 -14.63 21.47 -4.63
CA GLN A 58 -13.62 21.66 -5.66
C GLN A 58 -12.81 22.93 -5.41
N VAL A 59 -11.50 22.82 -5.56
CA VAL A 59 -10.58 23.95 -5.46
C VAL A 59 -9.58 23.85 -6.60
N ASP A 60 -9.49 24.91 -7.41
CA ASP A 60 -8.52 24.99 -8.51
C ASP A 60 -8.72 23.86 -9.51
N LYS A 61 -9.95 23.39 -9.66
CA LYS A 61 -10.33 22.38 -10.65
C LYS A 61 -9.90 20.96 -10.26
N VAL A 62 -9.69 20.71 -8.97
CA VAL A 62 -9.42 19.38 -8.45
C VAL A 62 -10.60 18.99 -7.57
N ASN A 63 -11.08 17.76 -7.72
CA ASN A 63 -12.30 17.32 -7.04
C ASN A 63 -11.95 16.50 -5.80
N PHE A 64 -12.55 16.88 -4.67
CA PHE A 64 -12.39 16.21 -3.39
C PHE A 64 -13.72 15.64 -2.95
N HIS A 65 -13.71 14.40 -2.44
CA HIS A 65 -14.91 13.73 -1.92
C HIS A 65 -14.68 13.36 -0.47
N MET A 66 -15.42 13.99 0.44
CA MET A 66 -15.31 13.76 1.87
C MET A 66 -16.49 12.94 2.38
N PHE A 67 -16.19 11.92 3.19
CA PHE A 67 -17.18 10.97 3.66
C PHE A 67 -17.23 10.97 5.18
N ASP A 68 -18.44 11.07 5.73
CA ASP A 68 -18.68 11.05 7.17
C ASP A 68 -19.57 9.86 7.50
N VAL A 69 -19.07 8.95 8.33
CA VAL A 69 -19.74 7.70 8.64
C VAL A 69 -20.44 7.87 9.99
N GLY A 70 -21.77 7.77 9.98
CA GLY A 70 -22.54 7.98 11.19
C GLY A 70 -23.66 7.00 11.41
N GLY A 71 -23.83 6.05 10.51
CA GLY A 71 -24.89 5.07 10.62
C GLY A 71 -24.53 3.79 11.35
N GLN A 72 -23.37 3.73 12.00
CA GLN A 72 -22.85 2.52 12.59
C GLN A 72 -22.83 2.63 14.12
N ARG A 73 -22.46 1.52 14.77
CA ARG A 73 -22.34 1.48 16.22
C ARG A 73 -21.06 2.21 16.65
N ASP A 74 -20.74 2.09 17.94
CA ASP A 74 -19.60 2.80 18.50
C ASP A 74 -18.33 1.97 18.55
N GLU A 75 -18.27 0.84 17.84
CA GLU A 75 -17.04 0.07 17.69
C GLU A 75 -16.52 0.25 16.27
N ARG A 76 -15.32 0.82 16.13
CA ARG A 76 -14.80 1.22 14.83
C ARG A 76 -13.63 0.39 14.35
N ARG A 77 -13.20 -0.63 15.10
CA ARG A 77 -11.96 -1.30 14.79
C ARG A 77 -12.02 -2.17 13.53
N LYS A 78 -13.21 -2.37 12.95
CA LYS A 78 -13.37 -3.22 11.78
C LYS A 78 -13.78 -2.47 10.52
N TRP A 79 -14.74 -1.57 10.60
CA TRP A 79 -15.10 -0.81 9.41
C TRP A 79 -14.18 0.36 9.15
N ILE A 80 -13.22 0.64 10.05
CA ILE A 80 -12.24 1.69 9.78
C ILE A 80 -11.27 1.24 8.71
N GLN A 81 -11.11 -0.07 8.52
CA GLN A 81 -10.16 -0.60 7.54
C GLN A 81 -10.56 -0.29 6.11
N CYS A 82 -11.82 0.07 5.87
CA CYS A 82 -12.25 0.41 4.52
C CYS A 82 -11.54 1.64 3.99
N PHE A 83 -11.04 2.50 4.87
CA PHE A 83 -10.41 3.76 4.48
C PHE A 83 -8.90 3.68 4.57
N ASN A 84 -8.34 2.50 4.33
CA ASN A 84 -6.89 2.31 4.38
C ASN A 84 -6.16 3.17 3.36
N ASP A 85 -6.67 3.25 2.13
CA ASP A 85 -5.98 3.94 1.04
C ASP A 85 -6.59 5.29 0.72
N VAL A 86 -7.04 6.05 1.73
CA VAL A 86 -7.54 7.38 1.47
C VAL A 86 -6.36 8.35 1.40
N THR A 87 -6.61 9.55 0.91
CA THR A 87 -5.53 10.53 0.77
C THR A 87 -5.12 11.09 2.13
N ALA A 88 -6.08 11.45 2.97
CA ALA A 88 -5.79 12.01 4.28
C ALA A 88 -7.00 11.81 5.18
N ILE A 89 -6.78 12.03 6.47
CA ILE A 89 -7.82 11.97 7.49
C ILE A 89 -7.97 13.36 8.09
N ILE A 90 -9.20 13.81 8.25
CA ILE A 90 -9.50 15.09 8.90
C ILE A 90 -9.98 14.80 10.30
N PHE A 91 -9.21 15.24 11.29
CA PHE A 91 -9.51 15.02 12.70
C PHE A 91 -9.87 16.35 13.34
N VAL A 92 -11.11 16.50 13.76
CA VAL A 92 -11.61 17.75 14.33
C VAL A 92 -11.70 17.59 15.85
N VAL A 93 -11.20 18.59 16.57
CA VAL A 93 -11.15 18.59 18.02
C VAL A 93 -11.81 19.85 18.55
N ASP A 94 -12.65 19.71 19.56
CA ASP A 94 -13.21 20.85 20.29
C ASP A 94 -12.26 21.18 21.44
N SER A 95 -11.47 22.24 21.28
CA SER A 95 -10.39 22.51 22.20
C SER A 95 -10.79 23.34 23.41
N SER A 96 -12.06 23.73 23.52
CA SER A 96 -12.52 24.53 24.64
C SER A 96 -13.03 23.69 25.80
N ASP A 97 -13.19 22.39 25.62
CA ASP A 97 -13.67 21.49 26.66
C ASP A 97 -12.47 20.78 27.26
N TYR A 98 -12.17 21.11 28.52
CA TYR A 98 -11.06 20.45 29.20
C TYR A 98 -11.42 19.06 29.66
N ASN A 99 -12.69 18.81 29.96
CA ASN A 99 -13.10 17.49 30.45
C ASN A 99 -12.83 16.41 29.43
N ARG A 100 -13.30 16.59 28.19
CA ARG A 100 -13.20 15.56 27.18
C ARG A 100 -11.91 15.64 26.37
N LEU A 101 -10.97 16.50 26.77
CA LEU A 101 -9.75 16.66 25.98
C LEU A 101 -8.87 15.42 26.05
N GLN A 102 -8.86 14.75 27.20
CA GLN A 102 -8.09 13.50 27.32
C GLN A 102 -8.70 12.39 26.47
N GLU A 103 -10.02 12.35 26.36
CA GLU A 103 -10.66 11.37 25.48
C GLU A 103 -10.25 11.61 24.02
N ALA A 104 -10.22 12.88 23.60
CA ALA A 104 -9.79 13.22 22.25
C ALA A 104 -8.33 12.86 22.04
N LEU A 105 -7.48 13.09 23.05
CA LEU A 105 -6.08 12.67 22.95
C LEU A 105 -5.95 11.16 22.80
N ASN A 106 -6.73 10.40 23.57
CA ASN A 106 -6.67 8.95 23.44
C ASN A 106 -7.16 8.50 22.07
N ASP A 107 -8.20 9.16 21.55
CA ASP A 107 -8.69 8.86 20.21
C ASP A 107 -7.61 9.11 19.16
N PHE A 108 -6.94 10.25 19.24
CA PHE A 108 -5.87 10.57 18.30
C PHE A 108 -4.73 9.57 18.42
N LYS A 109 -4.38 9.18 19.65
CA LYS A 109 -3.30 8.21 19.84
C LYS A 109 -3.65 6.85 19.22
N SER A 110 -4.91 6.43 19.37
CA SER A 110 -5.34 5.18 18.75
C SER A 110 -5.31 5.27 17.23
N ILE A 111 -5.77 6.40 16.68
CA ILE A 111 -5.78 6.57 15.22
C ILE A 111 -4.36 6.57 14.67
N TRP A 112 -3.45 7.28 15.35
CA TRP A 112 -2.10 7.46 14.84
C TRP A 112 -1.35 6.15 14.72
N ASN A 113 -1.51 5.26 15.71
CA ASN A 113 -0.68 4.06 15.83
C ASN A 113 -1.31 2.82 15.22
N ASN A 114 -2.44 2.94 14.55
CA ASN A 114 -3.08 1.76 13.95
C ASN A 114 -2.19 1.20 12.84
N ARG A 115 -2.27 -0.11 12.64
CA ARG A 115 -1.43 -0.77 11.65
C ARG A 115 -1.86 -0.43 10.23
N TRP A 116 -3.16 -0.21 10.02
CA TRP A 116 -3.69 0.06 8.69
C TRP A 116 -3.68 1.54 8.34
N LEU A 117 -3.52 2.42 9.31
CA LEU A 117 -3.46 3.86 9.07
C LEU A 117 -2.05 4.41 9.27
N ARG A 118 -1.04 3.55 9.15
CA ARG A 118 0.33 3.97 9.46
C ARG A 118 0.93 4.81 8.35
N THR A 119 0.38 4.76 7.15
CA THR A 119 0.89 5.53 6.02
C THR A 119 0.00 6.71 5.66
N ILE A 120 -1.05 6.97 6.42
CA ILE A 120 -2.02 8.00 6.10
C ILE A 120 -1.72 9.23 6.96
N SER A 121 -1.64 10.39 6.31
CA SER A 121 -1.37 11.64 7.01
C SER A 121 -2.65 12.23 7.57
N VAL A 122 -2.54 12.87 8.73
CA VAL A 122 -3.69 13.40 9.45
C VAL A 122 -3.65 14.93 9.36
N ILE A 123 -4.79 15.51 8.99
CA ILE A 123 -4.99 16.96 9.04
C ILE A 123 -5.79 17.25 10.30
N LEU A 124 -5.16 17.92 11.27
CA LEU A 124 -5.73 18.12 12.59
C LEU A 124 -6.32 19.52 12.67
N PHE A 125 -7.60 19.60 13.02
CA PHE A 125 -8.29 20.87 13.18
C PHE A 125 -8.62 21.07 14.65
N LEU A 126 -8.06 22.10 15.24
CA LEU A 126 -8.35 22.47 16.63
C LEU A 126 -9.42 23.55 16.59
N ASN A 127 -10.68 23.11 16.60
CA ASN A 127 -11.82 23.98 16.37
C ASN A 127 -12.20 24.72 17.66
N LYS A 128 -13.13 25.66 17.51
CA LYS A 128 -13.68 26.41 18.64
C LYS A 128 -12.59 27.20 19.36
N GLN A 129 -11.98 28.12 18.63
CA GLN A 129 -10.92 28.95 19.19
C GLN A 129 -11.50 30.14 19.96
N ASP A 130 -12.65 30.66 19.52
CA ASP A 130 -13.30 31.75 20.24
C ASP A 130 -13.76 31.30 21.62
N LEU A 131 -14.35 30.10 21.70
CA LEU A 131 -14.77 29.59 23.00
C LEU A 131 -13.58 29.38 23.92
N LEU A 132 -12.47 28.87 23.39
CA LEU A 132 -11.28 28.70 24.22
C LEU A 132 -10.76 30.04 24.72
N ALA A 133 -10.71 31.05 23.86
CA ALA A 133 -10.26 32.36 24.30
C ALA A 133 -11.16 32.91 25.40
N GLU A 134 -12.48 32.79 25.23
CA GLU A 134 -13.41 33.29 26.24
C GLU A 134 -13.22 32.54 27.55
N LYS A 135 -13.07 31.22 27.49
CA LYS A 135 -12.87 30.44 28.71
C LYS A 135 -11.60 30.86 29.43
N VAL A 136 -10.49 30.99 28.67
CA VAL A 136 -9.21 31.35 29.29
C VAL A 136 -9.31 32.71 29.95
N LEU A 137 -9.91 33.69 29.27
CA LEU A 137 -9.96 35.03 29.83
C LEU A 137 -10.83 35.12 31.08
N ALA A 138 -11.71 34.15 31.32
CA ALA A 138 -12.57 34.18 32.49
C ALA A 138 -11.78 33.92 33.77
N TYR A 146 -6.71 19.55 35.59
CA TYR A 146 -6.78 18.50 34.54
C TYR A 146 -5.39 18.06 34.08
N PHE A 147 -4.64 19.02 33.53
CA PHE A 147 -3.28 18.77 33.09
C PHE A 147 -2.32 19.51 34.01
N PRO A 148 -1.57 18.83 34.88
CA PRO A 148 -0.72 19.56 35.82
C PRO A 148 0.59 20.07 35.24
N GLU A 149 1.01 19.55 34.07
CA GLU A 149 2.25 20.01 33.46
C GLU A 149 2.13 21.41 32.86
N PHE A 150 0.93 21.97 32.81
CA PHE A 150 0.75 23.33 32.29
C PHE A 150 1.38 24.36 33.21
N ALA A 151 1.74 23.98 34.44
CA ALA A 151 2.35 24.93 35.36
C ALA A 151 3.75 25.32 34.92
N ARG A 152 4.58 24.34 34.59
CA ARG A 152 5.95 24.59 34.14
C ARG A 152 6.04 24.53 32.62
N TYR A 153 5.22 25.37 31.97
CA TYR A 153 5.18 25.43 30.51
C TYR A 153 5.50 26.85 30.06
N THR A 154 6.25 26.94 28.96
CA THR A 154 6.56 28.23 28.35
C THR A 154 6.37 28.12 26.85
N THR A 155 5.90 29.20 26.25
CA THR A 155 5.57 29.20 24.84
C THR A 155 6.82 28.87 24.01
N PRO A 156 6.68 28.17 22.88
CA PRO A 156 7.83 27.91 22.01
C PRO A 156 8.53 29.19 21.54
N PRO A 167 -1.60 36.89 26.00
CA PRO A 167 -0.53 35.89 26.03
C PRO A 167 -0.95 34.56 26.65
N ARG A 168 -1.95 34.57 27.55
CA ARG A 168 -2.42 33.32 28.14
C ARG A 168 -3.08 32.44 27.10
N VAL A 169 -3.85 33.05 26.18
CA VAL A 169 -4.53 32.26 25.16
C VAL A 169 -3.53 31.61 24.22
N THR A 170 -2.46 32.32 23.88
CA THR A 170 -1.41 31.74 23.05
C THR A 170 -0.77 30.55 23.75
N ARG A 171 -0.49 30.69 25.04
CA ARG A 171 0.11 29.59 25.80
C ARG A 171 -0.81 28.38 25.83
N ALA A 172 -2.10 28.60 26.08
CA ALA A 172 -3.05 27.48 26.11
C ALA A 172 -3.18 26.81 24.74
N LYS A 173 -3.30 27.62 23.69
CA LYS A 173 -3.39 27.09 22.33
C LYS A 173 -2.21 26.18 22.04
N TYR A 174 -1.00 26.68 22.26
CA TYR A 174 0.17 25.92 21.88
C TYR A 174 0.43 24.78 22.85
N PHE A 175 -0.03 24.89 24.08
CA PHE A 175 0.05 23.77 25.02
C PHE A 175 -0.77 22.59 24.50
N ILE A 176 -2.01 22.84 24.08
CA ILE A 176 -2.84 21.76 23.56
C ILE A 176 -2.27 21.23 22.25
N ARG A 177 -1.82 22.12 21.36
CA ARG A 177 -1.23 21.68 20.12
C ARG A 177 -0.02 20.78 20.38
N ASP A 178 0.84 21.16 21.34
CA ASP A 178 2.01 20.36 21.64
C ASP A 178 1.65 19.06 22.33
N GLU A 179 0.56 19.05 23.10
CA GLU A 179 0.07 17.79 23.66
C GLU A 179 -0.24 16.81 22.55
N PHE A 180 -0.86 17.28 21.47
CA PHE A 180 -1.13 16.41 20.33
C PHE A 180 0.16 16.07 19.56
N LEU A 181 1.08 17.02 19.45
CA LEU A 181 2.26 16.83 18.62
C LEU A 181 3.29 15.91 19.29
N ARG A 182 3.28 15.82 20.63
CA ARG A 182 4.12 14.83 21.30
C ARG A 182 3.75 13.43 20.87
N ILE A 183 2.44 13.11 20.88
CA ILE A 183 1.98 11.83 20.37
C ILE A 183 2.33 11.68 18.90
N SER A 184 2.18 12.75 18.13
CA SER A 184 2.43 12.67 16.69
C SER A 184 3.89 12.29 16.41
N THR A 185 4.83 12.92 17.10
CA THR A 185 6.24 12.72 16.81
C THR A 185 6.87 11.59 17.61
N ALA A 186 6.15 11.01 18.58
CA ALA A 186 6.74 9.93 19.36
C ALA A 186 7.03 8.70 18.50
N SER A 187 6.41 8.61 17.32
CA SER A 187 6.59 7.43 16.47
C SER A 187 6.22 7.76 15.04
N GLY A 188 6.56 6.85 14.13
CA GLY A 188 6.19 6.97 12.73
C GLY A 188 6.76 8.18 12.02
N ASP A 189 8.03 8.49 12.24
CA ASP A 189 8.59 9.74 11.73
C ASP A 189 8.64 9.76 10.20
N GLY A 190 9.20 8.71 9.60
CA GLY A 190 9.37 8.72 8.15
C GLY A 190 8.06 8.60 7.38
N ARG A 191 7.16 7.74 7.84
CA ARG A 191 6.07 7.27 6.97
C ARG A 191 5.02 8.35 6.72
N HIS A 192 4.60 9.08 7.76
CA HIS A 192 3.51 10.03 7.61
C HIS A 192 3.73 11.20 8.55
N TYR A 193 2.95 12.27 8.32
CA TYR A 193 3.12 13.54 9.00
C TYR A 193 1.76 14.08 9.42
N CYS A 194 1.75 14.90 10.46
CA CYS A 194 0.54 15.51 11.00
C CYS A 194 0.57 17.01 10.78
N TYR A 195 -0.49 17.54 10.16
CA TYR A 195 -0.57 18.96 9.82
C TYR A 195 -1.58 19.64 10.75
N PRO A 196 -1.16 20.49 11.69
CA PRO A 196 -2.11 21.12 12.61
C PRO A 196 -2.61 22.47 12.13
N HIS A 197 -3.84 22.79 12.53
CA HIS A 197 -4.47 24.05 12.15
C HIS A 197 -5.39 24.51 13.27
N PHE A 198 -5.53 25.83 13.42
CA PHE A 198 -6.47 26.43 14.36
C PHE A 198 -7.69 26.93 13.59
N THR A 199 -8.88 26.50 14.00
CA THR A 199 -10.10 26.78 13.28
C THR A 199 -11.13 27.44 14.20
N CYS A 200 -11.86 28.40 13.66
CA CYS A 200 -12.98 29.02 14.34
C CYS A 200 -14.28 28.63 13.63
N ALA A 201 -15.40 29.11 14.15
CA ALA A 201 -16.70 28.74 13.60
C ALA A 201 -16.98 29.46 12.29
N VAL A 202 -16.46 30.67 12.12
CA VAL A 202 -16.72 31.48 10.93
C VAL A 202 -15.63 31.30 9.87
N ASP A 203 -14.68 30.40 10.10
CA ASP A 203 -13.58 30.21 9.16
C ASP A 203 -14.11 29.73 7.82
N THR A 204 -13.52 30.27 6.74
CA THR A 204 -13.88 29.90 5.39
C THR A 204 -12.71 29.38 4.56
N GLU A 205 -11.53 29.21 5.16
CA GLU A 205 -10.33 28.81 4.44
C GLU A 205 -9.96 27.34 4.65
N ASN A 206 -10.88 26.52 5.15
CA ASN A 206 -10.56 25.14 5.44
C ASN A 206 -10.30 24.35 4.16
N ALA A 207 -11.05 24.64 3.09
CA ALA A 207 -10.88 23.94 1.82
C ALA A 207 -9.50 24.20 1.24
N ARG A 208 -9.04 25.45 1.28
CA ARG A 208 -7.69 25.78 0.81
C ARG A 208 -6.64 24.99 1.58
N ARG A 209 -6.80 24.88 2.90
CA ARG A 209 -5.83 24.17 3.72
C ARG A 209 -5.80 22.69 3.36
N ILE A 210 -6.96 22.09 3.17
CA ILE A 210 -7.01 20.69 2.75
C ILE A 210 -6.32 20.53 1.41
N PHE A 211 -6.56 21.46 0.48
CA PHE A 211 -5.93 21.40 -0.83
C PHE A 211 -4.41 21.45 -0.73
N ASN A 212 -3.88 22.40 0.06
CA ASN A 212 -2.43 22.54 0.19
C ASN A 212 -1.80 21.33 0.87
N ASP A 213 -2.41 20.84 1.94
CA ASP A 213 -1.84 19.70 2.65
C ASP A 213 -1.89 18.43 1.80
N CYS A 214 -2.95 18.26 1.00
CA CYS A 214 -3.02 17.13 0.09
C CYS A 214 -1.97 17.24 -1.01
N LYS A 215 -1.72 18.46 -1.48
CA LYS A 215 -0.66 18.69 -2.44
C LYS A 215 0.69 18.25 -1.87
N ASP A 216 0.94 18.59 -0.60
CA ASP A 216 2.20 18.19 0.03
C ASP A 216 2.29 16.68 0.20
N ILE A 217 1.20 16.04 0.59
CA ILE A 217 1.20 14.57 0.69
C ILE A 217 1.56 13.95 -0.65
N ILE A 218 0.95 14.45 -1.72
CA ILE A 218 1.21 13.88 -3.04
C ILE A 218 2.65 14.16 -3.46
N LEU A 219 3.20 15.32 -3.09
CA LEU A 219 4.61 15.59 -3.36
C LEU A 219 5.51 14.58 -2.68
N GLN A 220 5.21 14.22 -1.43
CA GLN A 220 5.99 13.18 -0.76
C GLN A 220 5.93 11.88 -1.55
N MET A 221 4.74 11.50 -2.00
CA MET A 221 4.59 10.24 -2.74
C MET A 221 5.41 10.27 -4.04
N ASN A 222 5.33 11.39 -4.78
CA ASN A 222 6.06 11.49 -6.04
C ASN A 222 7.57 11.51 -5.81
N LEU A 223 8.02 12.18 -4.76
CA LEU A 223 9.41 12.14 -4.39
C LEU A 223 9.88 10.70 -4.20
N ARG A 224 9.12 9.92 -3.44
CA ARG A 224 9.52 8.53 -3.22
C ARG A 224 9.35 7.68 -4.47
N GLU A 225 8.57 8.14 -5.46
CA GLU A 225 8.23 7.32 -6.60
C GLU A 225 9.13 7.53 -7.81
N TYR A 226 9.79 8.69 -7.91
CA TYR A 226 10.60 9.03 -9.07
C TYR A 226 12.10 8.89 -8.80
N ASN A 227 12.48 8.02 -7.87
CA ASN A 227 13.86 7.71 -7.54
C ASN A 227 14.61 8.87 -6.89
N LEU A 228 13.91 9.91 -6.45
CA LEU A 228 14.60 11.02 -5.81
C LEU A 228 14.98 10.68 -4.38
N VAL A 229 14.20 9.84 -3.71
CA VAL A 229 14.58 9.28 -2.42
C VAL A 229 14.24 7.80 -2.39
N ILE B 67 -1.66 -41.88 9.68
CA ILE B 67 -2.22 -41.79 8.30
C ILE B 67 -1.15 -41.31 7.33
N ASP B 68 -1.44 -41.42 6.04
CA ASP B 68 -0.50 -40.96 5.02
C ASP B 68 -0.61 -39.45 4.88
N PRO B 69 0.46 -38.70 5.13
CA PRO B 69 0.37 -37.24 5.01
C PRO B 69 0.16 -36.80 3.56
N VAL B 70 -0.40 -35.61 3.42
CA VAL B 70 -0.64 -35.05 2.08
C VAL B 70 0.68 -34.80 1.36
N GLY B 71 1.67 -34.26 2.06
CA GLY B 71 2.92 -33.89 1.45
C GLY B 71 2.88 -32.51 0.82
N ARG B 72 3.99 -32.14 0.20
CA ARG B 72 4.08 -30.83 -0.42
C ARG B 72 2.99 -30.67 -1.46
N ILE B 73 2.28 -29.54 -1.40
CA ILE B 73 1.24 -29.19 -2.36
C ILE B 73 1.71 -27.96 -3.12
N GLN B 74 2.11 -28.16 -4.37
CA GLN B 74 2.65 -27.09 -5.20
C GLN B 74 1.62 -26.71 -6.24
N MET B 75 1.24 -25.44 -6.26
CA MET B 75 0.30 -24.90 -7.24
C MET B 75 0.84 -23.57 -7.74
N ARG B 76 0.51 -23.25 -8.99
CA ARG B 76 1.04 -22.07 -9.64
C ARG B 76 -0.09 -21.27 -10.27
N THR B 77 0.11 -19.96 -10.36
CA THR B 77 -0.89 -19.10 -10.96
C THR B 77 -1.08 -19.46 -12.43
N ARG B 78 -2.32 -19.73 -12.80
CA ARG B 78 -2.65 -20.00 -14.19
C ARG B 78 -3.13 -18.73 -14.90
N ARG B 79 -4.18 -18.11 -14.38
CA ARG B 79 -4.73 -16.89 -14.94
C ARG B 79 -4.56 -15.75 -13.94
N THR B 80 -4.47 -14.54 -14.49
CA THR B 80 -4.47 -13.32 -13.69
C THR B 80 -5.47 -12.36 -14.30
N LEU B 81 -6.37 -11.84 -13.46
CA LEU B 81 -7.43 -10.94 -13.89
C LEU B 81 -7.08 -9.54 -13.42
N ARG B 82 -6.96 -8.60 -14.36
CA ARG B 82 -6.52 -7.24 -14.07
C ARG B 82 -7.49 -6.26 -14.73
N GLY B 83 -8.54 -5.88 -14.00
CA GLY B 83 -9.47 -4.88 -14.48
C GLY B 83 -10.03 -4.01 -13.37
N HIS B 84 -9.49 -4.14 -12.16
CA HIS B 84 -9.98 -3.43 -10.99
C HIS B 84 -8.98 -2.35 -10.61
N LEU B 85 -9.50 -1.21 -10.14
CA LEU B 85 -8.66 -0.06 -9.82
C LEU B 85 -8.25 -0.07 -8.35
N ALA B 86 -9.18 -0.38 -7.45
CA ALA B 86 -8.93 -0.36 -6.02
C ALA B 86 -8.79 -1.78 -5.49
N LYS B 87 -8.71 -1.92 -4.18
CA LYS B 87 -8.53 -3.22 -3.55
C LYS B 87 -9.78 -4.08 -3.69
N ILE B 88 -9.57 -5.40 -3.80
CA ILE B 88 -10.65 -6.38 -3.86
C ILE B 88 -11.09 -6.70 -2.44
N TYR B 89 -12.41 -6.74 -2.23
CA TYR B 89 -12.96 -7.02 -0.91
C TYR B 89 -13.71 -8.34 -0.83
N ALA B 90 -14.35 -8.78 -1.92
CA ALA B 90 -15.08 -10.04 -1.90
C ALA B 90 -15.10 -10.61 -3.31
N MET B 91 -15.34 -11.92 -3.39
CA MET B 91 -15.61 -12.59 -4.65
C MET B 91 -16.47 -13.81 -4.36
N HIS B 92 -17.09 -14.34 -5.42
CA HIS B 92 -17.93 -15.52 -5.31
C HIS B 92 -17.98 -16.21 -6.66
N TRP B 93 -18.12 -17.53 -6.63
CA TRP B 93 -18.14 -18.34 -7.84
C TRP B 93 -19.57 -18.60 -8.27
N GLY B 94 -19.74 -18.88 -9.55
CA GLY B 94 -21.01 -19.35 -10.05
C GLY B 94 -21.13 -20.85 -9.99
N THR B 95 -22.37 -21.33 -9.97
CA THR B 95 -22.61 -22.76 -9.92
C THR B 95 -22.08 -23.48 -11.17
N ASP B 96 -21.81 -22.75 -12.24
CA ASP B 96 -21.27 -23.32 -13.47
C ASP B 96 -19.78 -23.57 -13.41
N SER B 97 -19.09 -23.10 -12.36
CA SER B 97 -17.66 -23.27 -12.17
C SER B 97 -16.84 -22.54 -13.23
N ARG B 98 -17.46 -21.63 -13.98
CA ARG B 98 -16.79 -20.88 -15.04
C ARG B 98 -16.83 -19.38 -14.80
N LEU B 99 -17.99 -18.84 -14.41
CA LEU B 99 -18.18 -17.41 -14.23
C LEU B 99 -18.17 -17.07 -12.74
N LEU B 100 -17.41 -16.04 -12.38
CA LEU B 100 -17.32 -15.57 -11.01
C LEU B 100 -17.54 -14.07 -10.97
N VAL B 101 -18.08 -13.61 -9.83
CA VAL B 101 -18.32 -12.20 -9.58
C VAL B 101 -17.36 -11.73 -8.50
N SER B 102 -16.82 -10.53 -8.67
CA SER B 102 -15.91 -9.93 -7.71
C SER B 102 -16.36 -8.51 -7.41
N ALA B 103 -15.99 -8.01 -6.24
CA ALA B 103 -16.37 -6.68 -5.79
C ALA B 103 -15.12 -5.92 -5.38
N SER B 104 -15.08 -4.65 -5.74
CA SER B 104 -13.95 -3.78 -5.44
C SER B 104 -14.44 -2.50 -4.80
N GLN B 105 -13.56 -1.88 -4.01
CA GLN B 105 -13.93 -0.67 -3.28
C GLN B 105 -14.08 0.54 -4.19
N ASP B 106 -13.76 0.39 -5.48
CA ASP B 106 -13.96 1.46 -6.46
C ASP B 106 -15.36 1.46 -7.06
N GLY B 107 -16.33 0.84 -6.38
CA GLY B 107 -17.71 0.89 -6.84
C GLY B 107 -17.98 0.16 -8.14
N LYS B 108 -17.37 -1.01 -8.35
CA LYS B 108 -17.56 -1.79 -9.56
C LYS B 108 -17.80 -3.25 -9.21
N LEU B 109 -18.66 -3.90 -9.99
CA LEU B 109 -19.01 -5.30 -9.81
C LEU B 109 -18.84 -6.01 -11.15
N ILE B 110 -17.72 -6.70 -11.33
CA ILE B 110 -17.35 -7.30 -12.61
C ILE B 110 -17.67 -8.78 -12.56
N ILE B 111 -18.30 -9.29 -13.62
CA ILE B 111 -18.53 -10.72 -13.82
C ILE B 111 -17.55 -11.19 -14.87
N TRP B 112 -16.62 -12.05 -14.48
CA TRP B 112 -15.52 -12.48 -15.33
C TRP B 112 -15.83 -13.80 -16.01
N ASP B 113 -14.89 -14.23 -16.85
CA ASP B 113 -14.88 -15.57 -17.45
C ASP B 113 -13.49 -16.14 -17.25
N SER B 114 -13.37 -17.12 -16.36
CA SER B 114 -12.04 -17.59 -15.97
C SER B 114 -11.28 -18.18 -17.15
N TYR B 115 -11.97 -18.93 -18.00
CA TYR B 115 -11.29 -19.62 -19.10
C TYR B 115 -10.58 -18.62 -20.01
N THR B 116 -11.27 -17.53 -20.36
CA THR B 116 -10.76 -16.54 -21.29
C THR B 116 -10.33 -15.24 -20.61
N THR B 117 -10.86 -14.96 -19.42
CA THR B 117 -10.58 -13.70 -18.71
C THR B 117 -11.27 -12.52 -19.37
N ASN B 118 -12.47 -12.75 -19.89
CA ASN B 118 -13.26 -11.73 -20.56
C ASN B 118 -14.38 -11.24 -19.65
N LYS B 119 -14.56 -9.93 -19.58
CA LYS B 119 -15.55 -9.33 -18.69
C LYS B 119 -16.94 -9.45 -19.30
N VAL B 120 -17.73 -10.39 -18.78
CA VAL B 120 -19.08 -10.61 -19.29
C VAL B 120 -19.96 -9.41 -18.97
N HIS B 121 -19.75 -8.77 -17.81
CA HIS B 121 -20.56 -7.64 -17.40
C HIS B 121 -19.73 -6.71 -16.53
N ALA B 122 -20.25 -5.50 -16.35
CA ALA B 122 -19.70 -4.53 -15.41
C ALA B 122 -20.85 -3.65 -14.94
N ILE B 123 -21.00 -3.52 -13.62
CA ILE B 123 -22.14 -2.86 -13.02
C ILE B 123 -21.64 -1.74 -12.12
N PRO B 124 -22.06 -0.48 -12.34
CA PRO B 124 -21.69 0.59 -11.40
C PRO B 124 -22.63 0.67 -10.21
N LEU B 125 -22.08 0.71 -9.00
CA LEU B 125 -22.86 0.69 -7.78
C LEU B 125 -23.01 2.09 -7.21
N ARG B 126 -24.16 2.34 -6.58
CA ARG B 126 -24.40 3.65 -5.99
C ARG B 126 -23.41 3.95 -4.88
N SER B 127 -23.11 2.97 -4.03
CA SER B 127 -22.22 3.16 -2.90
C SER B 127 -20.89 2.46 -3.19
N SER B 128 -19.78 3.15 -2.91
CA SER B 128 -18.46 2.66 -3.28
C SER B 128 -17.97 1.54 -2.37
N TRP B 129 -18.29 1.60 -1.08
CA TRP B 129 -17.75 0.64 -0.11
C TRP B 129 -18.69 -0.55 -0.03
N VAL B 130 -18.30 -1.64 -0.70
CA VAL B 130 -19.03 -2.89 -0.66
C VAL B 130 -18.15 -3.90 0.07
N MET B 131 -18.72 -4.56 1.06
CA MET B 131 -18.01 -5.55 1.84
C MET B 131 -18.24 -6.98 1.37
N THR B 132 -19.25 -7.21 0.54
CA THR B 132 -19.63 -8.57 0.18
C THR B 132 -20.35 -8.57 -1.16
N CYS B 133 -20.43 -9.76 -1.75
CA CYS B 133 -21.19 -10.00 -2.96
C CYS B 133 -21.64 -11.44 -2.97
N ALA B 134 -22.65 -11.75 -3.78
CA ALA B 134 -23.17 -13.11 -3.89
C ALA B 134 -23.61 -13.38 -5.31
N TYR B 135 -23.66 -14.66 -5.66
CA TYR B 135 -24.11 -15.13 -6.97
C TYR B 135 -25.30 -16.05 -6.76
N ALA B 136 -26.39 -15.78 -7.46
CA ALA B 136 -27.58 -16.60 -7.27
C ALA B 136 -27.30 -18.03 -7.73
N PRO B 137 -27.74 -19.04 -6.98
CA PRO B 137 -27.50 -20.42 -7.42
C PRO B 137 -28.11 -20.74 -8.78
N SER B 138 -29.18 -20.05 -9.17
CA SER B 138 -29.76 -20.21 -10.49
C SER B 138 -29.02 -19.42 -11.56
N GLY B 139 -28.16 -18.48 -11.16
CA GLY B 139 -27.38 -17.70 -12.10
C GLY B 139 -28.10 -16.50 -12.69
N ASN B 140 -29.31 -16.20 -12.23
CA ASN B 140 -30.10 -15.13 -12.82
C ASN B 140 -30.08 -13.84 -12.02
N TYR B 141 -29.40 -13.81 -10.87
CA TYR B 141 -29.32 -12.60 -10.07
C TYR B 141 -27.96 -12.54 -9.39
N VAL B 142 -27.68 -11.39 -8.78
CA VAL B 142 -26.54 -11.23 -7.90
C VAL B 142 -26.95 -10.31 -6.75
N ALA B 143 -26.03 -10.06 -5.84
CA ALA B 143 -26.29 -9.18 -4.72
C ALA B 143 -24.97 -8.66 -4.19
N CYS B 144 -25.06 -7.65 -3.34
CA CYS B 144 -23.87 -7.04 -2.73
C CYS B 144 -24.34 -5.96 -1.74
N GLY B 145 -23.43 -5.57 -0.85
CA GLY B 145 -23.76 -4.60 0.16
C GLY B 145 -22.52 -4.16 0.89
N GLY B 146 -22.70 -3.23 1.81
CA GLY B 146 -21.57 -2.66 2.53
C GLY B 146 -21.97 -1.63 3.56
N LEU B 147 -21.27 -0.49 3.58
CA LEU B 147 -21.51 0.55 4.57
C LEU B 147 -22.82 1.31 4.35
N ASP B 148 -23.59 0.96 3.32
CA ASP B 148 -24.89 1.61 3.10
C ASP B 148 -26.02 0.94 3.85
N ASN B 149 -25.77 -0.20 4.51
CA ASN B 149 -26.77 -0.92 5.29
C ASN B 149 -27.93 -1.42 4.45
N ILE B 150 -27.71 -1.68 3.16
CA ILE B 150 -28.72 -2.20 2.25
C ILE B 150 -28.14 -3.40 1.52
N CYS B 151 -29.01 -4.29 1.06
CA CYS B 151 -28.65 -5.35 0.13
C CYS B 151 -29.32 -5.07 -1.21
N SER B 152 -28.51 -4.89 -2.24
CA SER B 152 -29.00 -4.58 -3.58
C SER B 152 -28.95 -5.83 -4.44
N ILE B 153 -30.04 -6.11 -5.15
CA ILE B 153 -30.17 -7.32 -5.95
C ILE B 153 -30.35 -6.92 -7.41
N TYR B 154 -29.48 -7.42 -8.27
CA TYR B 154 -29.47 -7.08 -9.69
C TYR B 154 -29.97 -8.25 -10.52
N ASN B 155 -30.80 -7.95 -11.50
CA ASN B 155 -31.33 -8.95 -12.42
C ASN B 155 -30.41 -9.08 -13.63
N LEU B 156 -30.32 -10.30 -14.15
CA LEU B 156 -29.43 -10.64 -15.26
C LEU B 156 -30.22 -11.16 -16.45
N LYS B 157 -31.33 -10.48 -16.77
CA LYS B 157 -32.11 -10.82 -17.95
C LYS B 157 -31.27 -10.72 -19.20
N VAL B 163 -28.73 -5.33 -17.30
CA VAL B 163 -28.71 -5.56 -15.82
C VAL B 163 -29.43 -4.42 -15.12
N ARG B 164 -30.49 -4.74 -14.40
CA ARG B 164 -31.35 -3.74 -13.78
C ARG B 164 -31.49 -4.05 -12.29
N VAL B 165 -31.39 -3.00 -11.47
CA VAL B 165 -31.55 -3.18 -10.03
C VAL B 165 -32.99 -3.57 -9.74
N SER B 166 -33.21 -4.83 -9.38
CA SER B 166 -34.54 -5.39 -9.22
C SER B 166 -35.18 -5.08 -7.89
N ARG B 167 -34.39 -4.81 -6.85
CA ARG B 167 -34.95 -4.61 -5.51
C ARG B 167 -33.88 -4.05 -4.59
N GLU B 168 -34.28 -3.78 -3.35
CA GLU B 168 -33.37 -3.44 -2.27
C GLU B 168 -33.99 -3.93 -0.97
N LEU B 169 -33.16 -4.51 -0.11
CA LEU B 169 -33.61 -5.01 1.18
C LEU B 169 -33.02 -4.14 2.28
N ALA B 170 -33.88 -3.41 3.00
CA ALA B 170 -33.46 -2.39 3.94
C ALA B 170 -34.13 -2.61 5.30
N GLY B 171 -33.49 -3.39 6.15
CA GLY B 171 -33.95 -3.58 7.51
C GLY B 171 -32.86 -3.62 8.55
N HIS B 172 -31.61 -3.60 8.13
CA HIS B 172 -30.47 -3.70 9.04
C HIS B 172 -30.07 -2.31 9.54
N THR B 173 -29.34 -2.30 10.66
CA THR B 173 -28.91 -1.07 11.31
C THR B 173 -27.41 -0.84 11.22
N GLY B 174 -26.61 -1.91 11.20
CA GLY B 174 -25.20 -1.80 10.96
C GLY B 174 -24.83 -2.26 9.56
N TYR B 175 -23.56 -2.06 9.20
CA TYR B 175 -23.12 -2.36 7.85
C TYR B 175 -23.34 -3.83 7.53
N LEU B 176 -23.49 -4.11 6.25
CA LEU B 176 -23.76 -5.47 5.78
C LEU B 176 -22.42 -6.18 5.58
N SER B 177 -22.26 -7.31 6.26
CA SER B 177 -20.98 -8.03 6.29
C SER B 177 -20.94 -9.23 5.35
N CYS B 178 -22.06 -9.91 5.16
CA CYS B 178 -22.10 -11.09 4.31
C CYS B 178 -23.54 -11.32 3.87
N CYS B 179 -23.71 -12.11 2.82
CA CYS B 179 -25.02 -12.44 2.29
C CYS B 179 -24.91 -13.68 1.43
N ARG B 180 -25.96 -14.49 1.43
CA ARG B 180 -25.96 -15.73 0.66
C ARG B 180 -27.38 -16.07 0.24
N PHE B 181 -27.55 -16.31 -1.06
CA PHE B 181 -28.86 -16.65 -1.62
C PHE B 181 -29.28 -18.04 -1.15
N LEU B 182 -30.52 -18.14 -0.67
CA LEU B 182 -31.12 -19.43 -0.38
C LEU B 182 -31.88 -19.98 -1.58
N ASP B 183 -32.36 -19.10 -2.44
CA ASP B 183 -33.27 -19.43 -3.53
C ASP B 183 -33.39 -18.21 -4.41
N ASP B 184 -34.24 -18.31 -5.44
CA ASP B 184 -34.57 -17.13 -6.23
C ASP B 184 -35.37 -16.11 -5.44
N ASN B 185 -36.01 -16.52 -4.34
CA ASN B 185 -36.93 -15.67 -3.60
C ASN B 185 -36.47 -15.31 -2.20
N GLN B 186 -35.41 -15.95 -1.69
CA GLN B 186 -34.97 -15.72 -0.31
C GLN B 186 -33.47 -15.47 -0.28
N ILE B 187 -33.04 -14.74 0.74
CA ILE B 187 -31.62 -14.44 0.93
C ILE B 187 -31.38 -14.20 2.42
N VAL B 188 -30.24 -14.66 2.91
CA VAL B 188 -29.84 -14.54 4.31
C VAL B 188 -28.70 -13.54 4.39
N THR B 189 -28.77 -12.62 5.35
CA THR B 189 -27.77 -11.58 5.48
C THR B 189 -27.35 -11.44 6.95
N SER B 190 -26.14 -10.93 7.14
CA SER B 190 -25.62 -10.57 8.45
C SER B 190 -25.13 -9.13 8.43
N SER B 191 -25.18 -8.49 9.59
CA SER B 191 -24.80 -7.09 9.71
C SER B 191 -23.92 -6.91 10.93
N GLY B 192 -23.28 -5.74 10.98
CA GLY B 192 -22.48 -5.33 12.11
C GLY B 192 -23.27 -4.81 13.29
N ASP B 193 -24.59 -4.89 13.25
CA ASP B 193 -25.43 -4.60 14.41
C ASP B 193 -25.71 -5.85 15.24
N THR B 194 -24.98 -6.94 15.01
CA THR B 194 -25.06 -8.15 15.81
C THR B 194 -26.33 -8.96 15.56
N THR B 195 -26.84 -8.95 14.32
CA THR B 195 -28.04 -9.73 13.99
C THR B 195 -27.94 -10.26 12.57
N CYS B 196 -28.75 -11.27 12.30
CA CYS B 196 -28.94 -11.82 10.97
C CYS B 196 -30.43 -11.82 10.66
N ALA B 197 -30.78 -11.97 9.39
CA ALA B 197 -32.17 -11.89 8.98
C ALA B 197 -32.41 -12.71 7.73
N LEU B 198 -33.65 -13.18 7.58
CA LEU B 198 -34.09 -13.90 6.40
C LEU B 198 -35.15 -13.07 5.69
N TRP B 199 -34.99 -12.90 4.38
CA TRP B 199 -35.83 -11.99 3.61
C TRP B 199 -36.70 -12.75 2.61
N ASP B 200 -37.78 -12.11 2.19
CA ASP B 200 -38.59 -12.56 1.07
C ASP B 200 -38.44 -11.52 -0.03
N ILE B 201 -37.78 -11.90 -1.12
CA ILE B 201 -37.42 -10.92 -2.14
C ILE B 201 -38.65 -10.37 -2.83
N GLU B 202 -39.66 -11.21 -3.09
CA GLU B 202 -40.85 -10.71 -3.77
C GLU B 202 -41.53 -9.61 -2.98
N THR B 203 -41.68 -9.80 -1.67
CA THR B 203 -42.31 -8.79 -0.81
C THR B 203 -41.31 -7.79 -0.27
N GLY B 204 -40.03 -8.13 -0.22
CA GLY B 204 -38.99 -7.22 0.23
C GLY B 204 -39.05 -6.83 1.69
N GLN B 205 -39.40 -7.78 2.57
CA GLN B 205 -39.45 -7.52 4.00
C GLN B 205 -38.90 -8.72 4.76
N GLN B 206 -38.37 -8.44 5.95
CA GLN B 206 -37.80 -9.49 6.79
C GLN B 206 -38.87 -10.49 7.18
N THR B 207 -38.47 -11.76 7.31
CA THR B 207 -39.33 -12.81 7.82
C THR B 207 -38.90 -13.31 9.19
N THR B 208 -37.61 -13.27 9.49
CA THR B 208 -37.10 -13.73 10.78
C THR B 208 -35.86 -12.91 11.12
N THR B 209 -35.52 -12.91 12.41
CA THR B 209 -34.27 -12.33 12.89
C THR B 209 -33.62 -13.28 13.89
N PHE B 210 -32.30 -13.18 14.01
CA PHE B 210 -31.50 -14.06 14.84
C PHE B 210 -30.58 -13.21 15.71
N THR B 211 -30.86 -13.17 17.01
CA THR B 211 -30.34 -12.14 17.91
C THR B 211 -29.60 -12.76 19.11
N GLY B 212 -28.66 -13.65 18.82
CA GLY B 212 -27.85 -14.24 19.88
C GLY B 212 -26.49 -13.60 20.07
N HIS B 213 -25.85 -13.17 18.99
CA HIS B 213 -24.48 -12.69 19.06
C HIS B 213 -24.38 -11.40 19.87
N THR B 214 -23.20 -11.19 20.45
CA THR B 214 -22.91 -10.00 21.23
C THR B 214 -22.06 -8.99 20.47
N GLY B 215 -21.17 -9.45 19.59
CA GLY B 215 -20.38 -8.57 18.75
C GLY B 215 -20.80 -8.65 17.29
N ASP B 216 -20.21 -7.77 16.50
CA ASP B 216 -20.55 -7.70 15.08
C ASP B 216 -20.33 -9.04 14.41
N VAL B 217 -21.29 -9.45 13.59
CA VAL B 217 -21.19 -10.70 12.83
C VAL B 217 -20.34 -10.43 11.60
N MET B 218 -19.33 -11.28 11.38
CA MET B 218 -18.36 -11.07 10.32
C MET B 218 -18.55 -12.00 9.12
N SER B 219 -19.08 -13.19 9.34
CA SER B 219 -19.19 -14.17 8.27
C SER B 219 -20.38 -15.08 8.54
N LEU B 220 -20.80 -15.81 7.52
CA LEU B 220 -21.82 -16.82 7.66
C LEU B 220 -21.66 -17.85 6.54
N SER B 221 -22.26 -19.02 6.73
CA SER B 221 -22.09 -20.12 5.81
C SER B 221 -23.32 -21.02 5.84
N LEU B 222 -23.94 -21.22 4.69
CA LEU B 222 -25.15 -22.01 4.57
C LEU B 222 -24.84 -23.49 4.50
N ALA B 223 -25.65 -24.30 5.17
CA ALA B 223 -25.46 -25.74 5.14
C ALA B 223 -25.81 -26.29 3.76
N PRO B 224 -25.28 -27.45 3.40
CA PRO B 224 -25.64 -28.03 2.10
C PRO B 224 -27.13 -28.23 1.91
N ASP B 225 -27.86 -28.59 2.97
CA ASP B 225 -29.31 -28.73 2.87
C ASP B 225 -30.03 -27.38 2.90
N THR B 226 -29.36 -26.32 3.34
CA THR B 226 -29.92 -24.97 3.40
C THR B 226 -30.91 -24.80 4.54
N ARG B 227 -30.87 -25.67 5.55
CA ARG B 227 -31.80 -25.59 6.68
C ARG B 227 -31.16 -25.01 7.94
N LEU B 228 -29.84 -24.85 7.96
CA LEU B 228 -29.14 -24.27 9.09
C LEU B 228 -28.04 -23.37 8.56
N PHE B 229 -27.33 -22.72 9.47
CA PHE B 229 -26.09 -22.03 9.11
C PHE B 229 -25.39 -21.58 10.39
N VAL B 230 -24.12 -21.23 10.24
CA VAL B 230 -23.27 -20.79 11.34
C VAL B 230 -22.78 -19.38 11.04
N SER B 231 -22.52 -18.64 12.11
CA SER B 231 -22.07 -17.26 12.01
C SER B 231 -20.98 -16.99 13.02
N GLY B 232 -20.01 -16.16 12.64
CA GLY B 232 -18.89 -15.79 13.50
C GLY B 232 -18.90 -14.30 13.79
N ALA B 233 -18.61 -13.95 15.03
CA ALA B 233 -18.77 -12.58 15.51
C ALA B 233 -17.49 -12.07 16.16
N CYS B 234 -17.43 -10.76 16.34
CA CYS B 234 -16.32 -10.12 17.03
C CYS B 234 -16.49 -10.24 18.54
N ASP B 235 -16.71 -11.47 19.01
CA ASP B 235 -16.80 -11.76 20.44
C ASP B 235 -16.06 -13.05 20.77
N ALA B 236 -15.39 -13.66 19.78
CA ALA B 236 -14.73 -14.94 19.96
C ALA B 236 -15.74 -16.06 20.23
N SER B 237 -16.77 -16.15 19.39
CA SER B 237 -17.79 -17.17 19.55
C SER B 237 -18.53 -17.38 18.24
N ALA B 238 -19.18 -18.54 18.13
CA ALA B 238 -19.96 -18.91 16.96
C ALA B 238 -21.28 -19.51 17.41
N LYS B 239 -22.24 -19.59 16.49
CA LYS B 239 -23.58 -20.03 16.82
C LYS B 239 -24.22 -20.69 15.60
N LEU B 240 -25.19 -21.56 15.88
CA LEU B 240 -25.89 -22.33 14.87
C LEU B 240 -27.38 -22.05 14.95
N TRP B 241 -28.00 -21.79 13.80
CA TRP B 241 -29.38 -21.33 13.73
C TRP B 241 -30.24 -22.30 12.93
N ASP B 242 -31.50 -22.40 13.35
CA ASP B 242 -32.52 -23.14 12.62
C ASP B 242 -33.32 -22.15 11.78
N VAL B 243 -33.17 -22.23 10.46
CA VAL B 243 -33.80 -21.25 9.58
C VAL B 243 -35.31 -21.28 9.75
N ARG B 244 -35.91 -22.46 9.78
CA ARG B 244 -37.36 -22.55 9.90
C ARG B 244 -37.83 -22.09 11.27
N GLU B 245 -37.18 -22.56 12.33
CA GLU B 245 -37.61 -22.21 13.69
C GLU B 245 -37.13 -20.84 14.12
N GLY B 246 -35.97 -20.40 13.62
CA GLY B 246 -35.40 -19.12 14.03
C GLY B 246 -34.91 -19.09 15.46
N MET B 247 -34.29 -20.18 15.92
CA MET B 247 -33.81 -20.27 17.29
C MET B 247 -32.37 -20.77 17.30
N CYS B 248 -31.57 -20.21 18.20
CA CYS B 248 -30.19 -20.64 18.35
C CYS B 248 -30.13 -22.06 18.88
N ARG B 249 -29.22 -22.84 18.32
CA ARG B 249 -29.07 -24.25 18.69
C ARG B 249 -27.87 -24.50 19.60
N GLN B 250 -26.76 -23.82 19.36
CA GLN B 250 -25.53 -24.14 20.07
C GLN B 250 -24.61 -22.92 20.07
N THR B 251 -23.57 -22.99 20.88
CA THR B 251 -22.56 -21.94 20.93
C THR B 251 -21.19 -22.56 21.18
N PHE B 252 -20.17 -22.00 20.54
CA PHE B 252 -18.81 -22.51 20.61
C PHE B 252 -17.86 -21.36 20.96
N THR B 253 -17.02 -21.57 21.95
CA THR B 253 -16.11 -20.53 22.44
C THR B 253 -14.72 -21.14 22.63
N GLY B 254 -13.85 -20.95 21.64
CA GLY B 254 -12.50 -21.45 21.71
C GLY B 254 -11.44 -20.41 21.42
N HIS B 255 -11.82 -19.30 20.80
CA HIS B 255 -10.86 -18.31 20.33
C HIS B 255 -10.65 -17.21 21.37
N GLU B 256 -9.62 -16.39 21.14
CA GLU B 256 -9.27 -15.29 22.04
C GLU B 256 -9.58 -13.91 21.49
N SER B 257 -9.88 -13.77 20.20
CA SER B 257 -10.14 -12.47 19.62
C SER B 257 -11.17 -12.66 18.50
N ASP B 258 -11.34 -11.64 17.67
CA ASP B 258 -12.41 -11.60 16.70
C ASP B 258 -12.29 -12.73 15.68
N ILE B 259 -13.44 -13.22 15.22
CA ILE B 259 -13.53 -14.21 14.17
C ILE B 259 -13.78 -13.50 12.86
N ASN B 260 -12.96 -13.78 11.85
CA ASN B 260 -13.03 -13.10 10.56
C ASN B 260 -13.69 -13.92 9.47
N ALA B 261 -13.63 -15.25 9.54
CA ALA B 261 -14.13 -16.10 8.48
C ALA B 261 -14.69 -17.37 9.09
N ILE B 262 -15.58 -18.01 8.33
CA ILE B 262 -16.20 -19.26 8.74
C ILE B 262 -16.67 -19.98 7.49
N CYS B 263 -16.66 -21.31 7.53
CA CYS B 263 -16.93 -22.14 6.37
C CYS B 263 -17.61 -23.40 6.84
N PHE B 264 -18.26 -24.11 5.91
CA PHE B 264 -18.92 -25.36 6.21
C PHE B 264 -18.16 -26.50 5.57
N PHE B 265 -17.87 -27.54 6.36
CA PHE B 265 -17.26 -28.75 5.82
C PHE B 265 -18.20 -29.40 4.81
N PRO B 266 -17.66 -30.00 3.74
CA PRO B 266 -18.53 -30.56 2.69
C PRO B 266 -19.66 -31.43 3.21
N ASN B 267 -19.41 -32.28 4.19
CA ASN B 267 -20.46 -33.15 4.70
C ASN B 267 -21.50 -32.38 5.51
N GLY B 268 -21.23 -31.14 5.90
CA GLY B 268 -22.19 -30.32 6.60
C GLY B 268 -22.26 -30.54 8.10
N ASN B 269 -21.32 -31.28 8.68
CA ASN B 269 -21.32 -31.58 10.11
C ASN B 269 -20.09 -31.01 10.80
N ALA B 270 -19.63 -29.84 10.37
CA ALA B 270 -18.49 -29.18 10.99
C ALA B 270 -18.38 -27.79 10.39
N PHE B 271 -17.33 -27.08 10.79
CA PHE B 271 -17.01 -25.79 10.20
C PHE B 271 -15.61 -25.39 10.68
N ALA B 272 -15.02 -24.43 10.00
CA ALA B 272 -13.70 -23.90 10.32
C ALA B 272 -13.80 -22.40 10.60
N THR B 273 -12.82 -21.88 11.32
CA THR B 273 -12.87 -20.51 11.83
C THR B 273 -11.48 -19.91 11.87
N GLY B 274 -11.34 -18.69 11.36
CA GLY B 274 -10.07 -17.97 11.41
C GLY B 274 -10.23 -16.65 12.14
N SER B 275 -9.27 -16.32 13.00
CA SER B 275 -9.41 -15.22 13.95
C SER B 275 -8.16 -14.37 13.97
N ASP B 276 -8.19 -13.30 14.76
CA ASP B 276 -7.07 -12.36 14.91
C ASP B 276 -6.00 -12.85 15.87
N ASP B 277 -6.31 -13.78 16.77
CA ASP B 277 -5.25 -14.40 17.55
C ASP B 277 -4.29 -15.23 16.70
N ALA B 278 -4.48 -15.27 15.38
CA ALA B 278 -3.58 -15.93 14.44
C ALA B 278 -3.67 -17.44 14.50
N THR B 279 -4.87 -17.98 14.69
CA THR B 279 -5.07 -19.43 14.68
C THR B 279 -6.37 -19.78 13.97
N CYS B 280 -6.45 -21.02 13.52
CA CYS B 280 -7.69 -21.63 13.06
C CYS B 280 -8.10 -22.71 14.03
N ARG B 281 -9.36 -23.13 13.93
CA ARG B 281 -9.86 -24.22 14.76
C ARG B 281 -11.02 -24.88 14.04
N LEU B 282 -11.21 -26.16 14.29
CA LEU B 282 -12.27 -26.95 13.66
C LEU B 282 -13.22 -27.42 14.75
N PHE B 283 -14.52 -27.16 14.56
CA PHE B 283 -15.56 -27.50 15.52
C PHE B 283 -16.52 -28.48 14.89
N ASP B 284 -16.85 -29.55 15.64
CA ASP B 284 -17.81 -30.55 15.20
C ASP B 284 -19.09 -30.38 16.00
N LEU B 285 -20.21 -30.28 15.31
CA LEU B 285 -21.47 -29.95 15.96
C LEU B 285 -21.86 -31.01 16.98
N ARG B 286 -21.67 -32.29 16.65
CA ARG B 286 -22.10 -33.38 17.52
C ARG B 286 -21.23 -33.53 18.76
N ALA B 287 -19.91 -33.40 18.62
CA ALA B 287 -19.04 -33.45 19.79
C ALA B 287 -19.10 -32.18 20.62
N ASP B 288 -19.38 -31.03 20.00
CA ASP B 288 -19.49 -29.76 20.71
C ASP B 288 -18.17 -29.35 21.35
N GLN B 289 -17.08 -29.45 20.58
CA GLN B 289 -15.78 -29.02 21.07
C GLN B 289 -14.82 -28.91 19.90
N GLU B 290 -13.82 -28.05 20.06
CA GLU B 290 -12.83 -27.84 19.01
C GLU B 290 -11.95 -29.07 18.89
N LEU B 291 -11.79 -29.57 17.66
CA LEU B 291 -10.96 -30.76 17.44
C LEU B 291 -9.52 -30.37 17.15
N MET B 292 -9.28 -29.64 16.07
CA MET B 292 -7.94 -29.30 15.63
C MET B 292 -7.69 -27.81 15.78
N THR B 293 -6.41 -27.45 15.85
CA THR B 293 -5.98 -26.07 16.07
C THR B 293 -4.78 -25.80 15.16
N TYR B 294 -5.01 -25.13 14.04
CA TYR B 294 -3.97 -24.93 13.03
C TYR B 294 -3.27 -23.61 13.31
N SER B 295 -2.10 -23.69 13.95
CA SER B 295 -1.31 -22.52 14.31
C SER B 295 0.17 -22.81 14.09
N HIS B 296 0.98 -21.80 14.36
CA HIS B 296 2.44 -21.91 14.26
C HIS B 296 3.07 -20.84 15.14
N ASP B 297 4.30 -21.11 15.59
CA ASP B 297 4.99 -20.23 16.51
C ASP B 297 5.53 -18.97 15.86
N ASN B 298 5.59 -18.91 14.53
CA ASN B 298 6.16 -17.78 13.82
C ASN B 298 5.14 -16.92 13.11
N ILE B 299 3.86 -17.27 13.15
CA ILE B 299 2.79 -16.51 12.51
C ILE B 299 2.18 -15.59 13.55
N ILE B 300 2.26 -14.28 13.31
CA ILE B 300 1.82 -13.29 14.28
C ILE B 300 0.85 -12.32 13.63
N CYS B 301 0.11 -12.81 12.64
CA CYS B 301 -0.90 -12.04 11.92
C CYS B 301 -2.24 -12.76 11.99
N GLY B 302 -3.30 -12.03 11.67
CA GLY B 302 -4.64 -12.58 11.66
C GLY B 302 -4.96 -13.28 10.36
N ILE B 303 -6.16 -13.84 10.31
CA ILE B 303 -6.64 -14.61 9.17
C ILE B 303 -7.83 -13.87 8.58
N THR B 304 -7.81 -13.70 7.27
CA THR B 304 -8.84 -12.93 6.58
C THR B 304 -9.91 -13.78 5.92
N SER B 305 -9.61 -15.02 5.55
CA SER B 305 -10.57 -15.87 4.86
C SER B 305 -10.15 -17.33 5.03
N VAL B 306 -11.13 -18.23 4.89
CA VAL B 306 -10.87 -19.67 4.89
C VAL B 306 -11.74 -20.30 3.82
N SER B 307 -11.44 -21.56 3.50
CA SER B 307 -12.22 -22.31 2.52
C SER B 307 -11.77 -23.76 2.56
N PHE B 308 -12.68 -24.66 2.24
CA PHE B 308 -12.39 -26.08 2.18
C PHE B 308 -12.37 -26.54 0.72
N SER B 309 -11.85 -27.74 0.51
CA SER B 309 -11.75 -28.32 -0.82
C SER B 309 -12.89 -29.31 -1.03
N LYS B 310 -12.86 -29.98 -2.18
CA LYS B 310 -13.95 -30.87 -2.56
C LYS B 310 -14.12 -32.00 -1.55
N SER B 311 -13.01 -32.56 -1.08
CA SER B 311 -13.05 -33.68 -0.14
C SER B 311 -12.97 -33.25 1.32
N GLY B 312 -12.73 -31.96 1.58
CA GLY B 312 -12.47 -31.54 2.93
C GLY B 312 -11.09 -31.90 3.45
N ARG B 313 -10.12 -32.13 2.57
CA ARG B 313 -8.80 -32.58 3.01
C ARG B 313 -7.82 -31.42 3.14
N LEU B 314 -8.01 -30.34 2.39
CA LEU B 314 -7.15 -29.17 2.49
C LEU B 314 -7.97 -27.97 2.92
N LEU B 315 -7.49 -27.27 3.94
CA LEU B 315 -8.08 -26.03 4.39
C LEU B 315 -7.18 -24.89 3.90
N LEU B 316 -7.74 -23.98 3.11
CA LEU B 316 -6.99 -22.87 2.57
C LEU B 316 -7.37 -21.60 3.33
N ALA B 317 -6.37 -20.87 3.79
CA ALA B 317 -6.56 -19.71 4.64
C ALA B 317 -5.68 -18.55 4.17
N GLY B 318 -6.27 -17.37 4.02
CA GLY B 318 -5.52 -16.17 3.67
C GLY B 318 -5.12 -15.43 4.93
N TYR B 319 -4.01 -14.72 4.86
CA TYR B 319 -3.42 -14.03 6.00
C TYR B 319 -3.10 -12.58 5.64
N ASP B 320 -2.75 -11.82 6.66
CA ASP B 320 -2.34 -10.43 6.51
C ASP B 320 -0.85 -10.29 6.21
N ASP B 321 -0.11 -11.41 6.14
CA ASP B 321 1.28 -11.44 5.74
C ASP B 321 1.44 -11.51 4.23
N PHE B 322 0.36 -11.35 3.48
CA PHE B 322 0.34 -11.32 2.02
C PHE B 322 0.45 -12.70 1.39
N ASN B 323 0.19 -13.75 2.15
CA ASN B 323 0.33 -15.11 1.63
C ASN B 323 -0.83 -15.97 2.12
N CYS B 324 -1.13 -17.00 1.35
CA CYS B 324 -2.15 -17.98 1.70
C CYS B 324 -1.48 -19.31 1.96
N ASN B 325 -1.91 -19.99 3.02
CA ASN B 325 -1.35 -21.27 3.40
C ASN B 325 -2.37 -22.38 3.17
N VAL B 326 -1.90 -23.51 2.67
CA VAL B 326 -2.76 -24.64 2.37
C VAL B 326 -2.59 -25.66 3.49
N TRP B 327 -3.43 -25.58 4.51
CA TRP B 327 -3.32 -26.46 5.65
C TRP B 327 -3.82 -27.86 5.30
N ASP B 328 -3.53 -28.80 6.18
CA ASP B 328 -4.12 -30.13 6.12
C ASP B 328 -5.08 -30.28 7.28
N ALA B 329 -6.37 -30.40 6.98
CA ALA B 329 -7.38 -30.31 8.02
C ALA B 329 -7.17 -31.36 9.11
N LEU B 330 -6.80 -32.58 8.72
CA LEU B 330 -6.69 -33.67 9.68
C LEU B 330 -5.36 -33.64 10.42
N LYS B 331 -4.26 -33.76 9.70
CA LYS B 331 -2.94 -33.73 10.32
C LYS B 331 -2.61 -32.38 10.90
N ALA B 332 -3.24 -31.31 10.41
CA ALA B 332 -3.10 -29.98 10.99
C ALA B 332 -1.66 -29.47 10.92
N ASP B 333 -0.97 -29.77 9.82
CA ASP B 333 0.37 -29.25 9.57
C ASP B 333 0.41 -28.66 8.17
N ARG B 334 0.85 -27.41 8.06
CA ARG B 334 0.81 -26.71 6.79
C ARG B 334 1.52 -27.51 5.72
N ALA B 335 0.90 -27.59 4.53
CA ALA B 335 1.41 -28.39 3.43
C ALA B 335 1.67 -27.59 2.16
N GLY B 336 1.41 -26.29 2.14
CA GLY B 336 1.63 -25.50 0.94
C GLY B 336 1.55 -24.03 1.23
N VAL B 337 1.91 -23.23 0.23
CA VAL B 337 1.87 -21.77 0.32
C VAL B 337 1.54 -21.23 -1.06
N LEU B 338 0.80 -20.12 -1.12
CA LEU B 338 0.49 -19.42 -2.36
C LEU B 338 0.95 -17.98 -2.20
N ALA B 339 2.20 -17.69 -2.60
CA ALA B 339 2.80 -16.38 -2.41
C ALA B 339 2.93 -15.70 -3.77
N GLY B 340 1.93 -14.90 -4.14
CA GLY B 340 1.97 -14.15 -5.38
C GLY B 340 1.34 -12.78 -5.30
N HIS B 341 0.94 -12.36 -4.11
CA HIS B 341 0.27 -11.09 -3.90
C HIS B 341 1.18 -10.16 -3.12
N ASP B 342 1.16 -8.88 -3.50
CA ASP B 342 2.01 -7.87 -2.89
C ASP B 342 1.37 -7.19 -1.68
N ASN B 343 0.11 -7.49 -1.38
CA ASN B 343 -0.59 -6.88 -0.26
C ASN B 343 -1.49 -7.93 0.38
N ARG B 344 -2.41 -7.47 1.22
CA ARG B 344 -3.22 -8.36 2.02
C ARG B 344 -4.16 -9.21 1.15
N VAL B 345 -4.30 -10.47 1.52
CA VAL B 345 -5.20 -11.39 0.82
C VAL B 345 -6.56 -11.34 1.51
N SER B 346 -7.53 -10.70 0.85
CA SER B 346 -8.83 -10.41 1.44
C SER B 346 -9.88 -11.49 1.19
N CYS B 347 -9.96 -12.02 -0.03
CA CYS B 347 -11.00 -12.96 -0.40
C CYS B 347 -10.38 -14.22 -0.98
N LEU B 348 -11.13 -15.32 -0.92
CA LEU B 348 -10.59 -16.64 -1.20
C LEU B 348 -11.75 -17.59 -1.44
N GLY B 349 -11.80 -18.21 -2.63
CA GLY B 349 -12.88 -19.11 -2.95
C GLY B 349 -12.41 -20.29 -3.79
N VAL B 350 -13.12 -21.40 -3.64
CA VAL B 350 -12.82 -22.65 -4.32
C VAL B 350 -14.00 -23.02 -5.21
N THR B 351 -13.70 -23.51 -6.40
CA THR B 351 -14.72 -23.74 -7.41
C THR B 351 -15.70 -24.82 -6.97
N ASP B 352 -16.90 -24.79 -7.56
CA ASP B 352 -17.95 -25.73 -7.18
C ASP B 352 -17.58 -27.17 -7.52
N ASP B 353 -16.95 -27.39 -8.68
CA ASP B 353 -16.47 -28.72 -9.05
C ASP B 353 -15.02 -28.95 -8.64
N GLY B 354 -14.47 -28.08 -7.80
CA GLY B 354 -13.16 -28.31 -7.20
C GLY B 354 -12.02 -28.33 -8.19
N MET B 355 -12.08 -27.52 -9.24
CA MET B 355 -11.04 -27.51 -10.25
C MET B 355 -10.05 -26.37 -10.12
N ALA B 356 -10.46 -25.24 -9.55
CA ALA B 356 -9.59 -24.08 -9.45
C ALA B 356 -9.86 -23.33 -8.16
N VAL B 357 -8.91 -22.48 -7.79
CA VAL B 357 -8.97 -21.66 -6.59
C VAL B 357 -8.71 -20.21 -7.00
N ALA B 358 -9.56 -19.31 -6.56
CA ALA B 358 -9.41 -17.89 -6.85
C ALA B 358 -9.14 -17.13 -5.55
N THR B 359 -8.20 -16.20 -5.60
CA THR B 359 -7.86 -15.37 -4.45
C THR B 359 -7.71 -13.93 -4.90
N GLY B 360 -8.32 -13.03 -4.15
CA GLY B 360 -8.14 -11.61 -4.36
C GLY B 360 -7.29 -11.03 -3.26
N SER B 361 -6.83 -9.80 -3.46
CA SER B 361 -5.94 -9.15 -2.52
C SER B 361 -6.14 -7.64 -2.59
N TRP B 362 -5.54 -6.94 -1.63
CA TRP B 362 -5.55 -5.48 -1.64
C TRP B 362 -4.61 -4.91 -2.70
N ASP B 363 -3.99 -5.76 -3.52
CA ASP B 363 -3.19 -5.34 -4.66
C ASP B 363 -4.01 -5.09 -5.91
N SER B 364 -5.32 -5.32 -5.87
CA SER B 364 -6.21 -5.03 -6.98
C SER B 364 -6.16 -6.10 -8.07
N PHE B 365 -5.58 -7.26 -7.76
CA PHE B 365 -5.44 -8.34 -8.74
C PHE B 365 -6.08 -9.60 -8.22
N LEU B 366 -6.69 -10.35 -9.13
CA LEU B 366 -7.25 -11.67 -8.86
C LEU B 366 -6.39 -12.72 -9.53
N LYS B 367 -6.11 -13.80 -8.83
CA LYS B 367 -5.27 -14.88 -9.34
C LYS B 367 -6.02 -16.20 -9.23
N ILE B 368 -5.85 -17.05 -10.23
CA ILE B 368 -6.45 -18.39 -10.25
C ILE B 368 -5.33 -19.41 -10.22
N TRP B 369 -5.44 -20.37 -9.31
CA TRP B 369 -4.41 -21.36 -9.05
C TRP B 369 -4.97 -22.74 -9.28
N ASN B 370 -4.15 -23.61 -9.86
CA ASN B 370 -4.55 -24.98 -10.13
C ASN B 370 -3.42 -25.94 -9.81
N VAL C 30 -15.70 -37.75 21.16
CA VAL C 30 -14.92 -36.99 20.14
C VAL C 30 -14.29 -37.95 19.15
N SER C 31 -13.95 -39.15 19.63
CA SER C 31 -13.35 -40.15 18.77
C SER C 31 -14.29 -40.53 17.63
N LYS C 32 -15.59 -40.63 17.93
CA LYS C 32 -16.56 -40.95 16.89
C LYS C 32 -16.59 -39.86 15.82
N ALA C 33 -16.63 -38.59 16.24
CA ALA C 33 -16.66 -37.50 15.28
C ALA C 33 -15.40 -37.48 14.43
N ALA C 34 -14.23 -37.66 15.05
CA ALA C 34 -12.99 -37.71 14.29
C ALA C 34 -13.01 -38.85 13.29
N ALA C 35 -13.48 -40.01 13.71
CA ALA C 35 -13.51 -41.16 12.82
C ALA C 35 -14.42 -40.89 11.62
N ASP C 36 -15.58 -40.29 11.86
CA ASP C 36 -16.48 -39.97 10.74
C ASP C 36 -15.83 -38.94 9.80
N LEU C 37 -15.15 -37.95 10.34
CA LEU C 37 -14.51 -36.95 9.49
C LEU C 37 -13.45 -37.58 8.60
N MET C 38 -12.58 -38.41 9.19
CA MET C 38 -11.55 -39.08 8.39
C MET C 38 -12.18 -40.04 7.38
N ALA C 39 -13.25 -40.71 7.77
CA ALA C 39 -13.94 -41.60 6.83
C ALA C 39 -14.45 -40.82 5.63
N TYR C 40 -15.08 -39.67 5.86
CA TYR C 40 -15.56 -38.86 4.75
C TYR C 40 -14.40 -38.42 3.86
N CYS C 41 -13.35 -37.87 4.47
CA CYS C 41 -12.23 -37.37 3.68
C CYS C 41 -11.62 -38.46 2.83
N GLU C 42 -11.42 -39.65 3.39
CA GLU C 42 -10.86 -40.75 2.61
C GLU C 42 -11.84 -41.24 1.56
N ALA C 43 -13.14 -41.16 1.82
CA ALA C 43 -14.12 -41.67 0.88
C ALA C 43 -14.30 -40.76 -0.33
N HIS C 44 -14.06 -39.46 -0.21
CA HIS C 44 -14.19 -38.54 -1.34
C HIS C 44 -12.85 -38.03 -1.84
N ALA C 45 -11.77 -38.75 -1.57
CA ALA C 45 -10.44 -38.33 -2.02
C ALA C 45 -10.19 -38.62 -3.49
N LYS C 46 -11.00 -39.50 -4.10
CA LYS C 46 -10.75 -39.91 -5.47
C LYS C 46 -11.06 -38.84 -6.50
N GLU C 47 -11.94 -37.89 -6.17
CA GLU C 47 -12.41 -36.89 -7.12
C GLU C 47 -12.09 -35.47 -6.66
N ASP C 48 -10.96 -35.27 -5.98
CA ASP C 48 -10.52 -33.95 -5.56
C ASP C 48 -9.36 -33.52 -6.45
N PRO C 49 -9.58 -32.60 -7.39
CA PRO C 49 -8.49 -32.25 -8.33
C PRO C 49 -7.29 -31.58 -7.68
N LEU C 50 -7.39 -31.12 -6.44
CA LEU C 50 -6.28 -30.44 -5.81
C LEU C 50 -5.38 -31.41 -5.05
N GLN D 1 -12.69 -19.23 26.24
CA GLN D 1 -13.69 -18.23 26.72
C GLN D 1 -13.02 -17.25 27.66
N VAL D 2 -12.71 -16.06 27.15
CA VAL D 2 -12.01 -15.05 27.94
C VAL D 2 -12.83 -14.74 29.19
N GLN D 3 -12.14 -14.29 30.23
CA GLN D 3 -12.81 -13.83 31.45
C GLN D 3 -11.80 -13.07 32.29
N LEU D 4 -12.16 -11.85 32.68
CA LEU D 4 -11.36 -11.02 33.57
C LEU D 4 -12.14 -10.76 34.85
N GLN D 5 -11.61 -11.24 35.98
CA GLN D 5 -12.27 -11.08 37.26
C GLN D 5 -11.40 -10.19 38.16
N GLU D 6 -11.99 -9.11 38.64
CA GLU D 6 -11.29 -8.15 39.49
C GLU D 6 -11.54 -8.46 40.96
N SER D 7 -10.76 -7.81 41.83
CA SER D 7 -10.92 -7.96 43.27
C SER D 7 -10.28 -6.77 43.95
N GLY D 8 -10.93 -6.28 45.01
CA GLY D 8 -10.42 -5.13 45.76
C GLY D 8 -11.25 -3.88 45.54
N LEU D 18 -5.99 0.89 49.49
CA LEU D 18 -6.74 0.10 48.47
C LEU D 18 -5.82 -0.36 47.35
N ARG D 19 -5.82 -1.65 47.06
CA ARG D 19 -5.00 -2.22 45.99
C ARG D 19 -5.87 -3.16 45.18
N LEU D 20 -6.07 -2.83 43.91
CA LEU D 20 -6.91 -3.64 43.04
C LEU D 20 -6.09 -4.70 42.31
N SER D 21 -6.68 -5.88 42.15
CA SER D 21 -6.05 -6.99 41.46
C SER D 21 -7.00 -7.56 40.42
N CYS D 22 -6.46 -7.90 39.25
CA CYS D 22 -7.24 -8.46 38.15
C CYS D 22 -6.82 -9.91 37.94
N ALA D 23 -7.79 -10.79 37.76
CA ALA D 23 -7.56 -12.19 37.45
C ALA D 23 -7.99 -12.45 36.02
N ALA D 24 -7.08 -12.99 35.21
CA ALA D 24 -7.31 -13.20 33.78
C ALA D 24 -7.31 -14.69 33.48
N SER D 25 -8.16 -15.08 32.53
CA SER D 25 -8.30 -16.49 32.17
C SER D 25 -8.62 -16.60 30.69
N GLY D 26 -8.23 -17.73 30.11
CA GLY D 26 -8.63 -18.07 28.76
C GLY D 26 -7.77 -17.50 27.65
N PHE D 27 -6.52 -17.12 27.92
CA PHE D 27 -5.67 -16.57 26.88
C PHE D 27 -4.28 -16.30 27.45
N THR D 28 -3.34 -16.06 26.54
CA THR D 28 -1.99 -15.68 26.94
C THR D 28 -1.98 -14.26 27.49
N PHE D 29 -1.42 -14.08 28.67
CA PHE D 29 -1.47 -12.80 29.37
C PHE D 29 -0.44 -11.79 28.87
N SER D 30 0.72 -12.26 28.41
CA SER D 30 1.87 -11.40 28.17
C SER D 30 1.88 -10.73 26.80
N ASN D 31 1.18 -11.27 25.81
CA ASN D 31 1.20 -10.73 24.46
C ASN D 31 0.24 -9.57 24.26
N TYR D 32 -0.50 -9.18 25.29
CA TYR D 32 -1.53 -8.16 25.17
C TYR D 32 -1.16 -6.94 26.01
N LYS D 33 -1.71 -5.80 25.60
CA LYS D 33 -1.57 -4.57 26.35
C LYS D 33 -2.81 -4.38 27.22
N MET D 34 -2.61 -4.13 28.51
CA MET D 34 -3.70 -4.00 29.46
C MET D 34 -3.95 -2.53 29.77
N ASN D 35 -5.11 -2.26 30.37
CA ASN D 35 -5.55 -0.89 30.68
C ASN D 35 -6.29 -0.89 32.01
N TRP D 36 -6.73 0.29 32.42
CA TRP D 36 -7.61 0.47 33.58
C TRP D 36 -8.70 1.45 33.22
N VAL D 37 -9.96 1.02 33.35
CA VAL D 37 -11.11 1.77 32.90
C VAL D 37 -12.06 1.93 34.08
N ARG D 38 -12.44 3.16 34.39
CA ARG D 38 -13.38 3.45 35.46
C ARG D 38 -14.71 3.93 34.88
N GLN D 39 -15.73 3.96 35.73
CA GLN D 39 -17.06 4.37 35.31
C GLN D 39 -17.71 5.08 36.49
N ALA D 40 -17.56 6.40 36.55
CA ALA D 40 -18.12 7.16 37.64
C ALA D 40 -19.64 7.22 37.52
N PRO D 41 -20.34 7.52 38.61
CA PRO D 41 -21.81 7.49 38.56
C PRO D 41 -22.36 8.56 37.62
N GLY D 42 -23.22 8.13 36.71
CA GLY D 42 -23.90 9.04 35.80
C GLY D 42 -23.07 9.51 34.63
N LYS D 43 -21.90 8.92 34.39
CA LYS D 43 -21.02 9.35 33.31
C LYS D 43 -20.54 8.13 32.53
N GLY D 44 -19.88 8.39 31.40
CA GLY D 44 -19.38 7.33 30.57
C GLY D 44 -18.09 6.74 31.10
N LEU D 45 -17.55 5.79 30.34
CA LEU D 45 -16.34 5.10 30.76
C LEU D 45 -15.11 5.92 30.42
N GLU D 46 -14.16 5.97 31.37
CA GLU D 46 -12.98 6.79 31.26
C GLU D 46 -11.73 5.95 31.42
N TRP D 47 -10.73 6.20 30.58
CA TRP D 47 -9.46 5.49 30.61
C TRP D 47 -8.55 6.06 31.69
N VAL D 48 -7.81 5.18 32.37
CA VAL D 48 -6.99 5.59 33.50
C VAL D 48 -5.50 5.28 33.28
N SER D 49 -5.16 4.01 33.10
CA SER D 49 -3.75 3.64 33.00
C SER D 49 -3.57 2.43 32.10
N ASP D 50 -2.42 2.36 31.45
CA ASP D 50 -2.09 1.25 30.57
C ASP D 50 -0.63 0.86 30.76
N ILE D 51 -0.30 -0.36 30.36
CA ILE D 51 1.05 -0.86 30.48
C ILE D 51 1.29 -1.87 29.36
N SER D 52 2.45 -1.78 28.72
CA SER D 52 2.73 -2.54 27.51
C SER D 52 2.93 -4.01 27.86
N GLN D 53 3.32 -4.79 26.84
CA GLN D 53 3.39 -6.23 26.99
C GLN D 53 4.37 -6.64 28.09
N SER D 54 5.61 -6.15 28.02
CA SER D 54 6.65 -6.54 28.96
C SER D 54 6.64 -5.71 30.24
N GLY D 55 5.88 -4.62 30.28
CA GLY D 55 5.84 -3.77 31.45
C GLY D 55 6.82 -2.62 31.41
N ALA D 56 7.19 -2.15 30.23
CA ALA D 56 8.18 -1.08 30.10
C ALA D 56 7.53 0.30 30.04
N SER D 57 6.68 0.53 29.03
CA SER D 57 6.03 1.82 28.86
C SER D 57 4.78 1.88 29.72
N ILE D 58 4.66 2.96 30.49
CA ILE D 58 3.54 3.18 31.39
C ILE D 58 3.00 4.58 31.17
N SER D 59 1.69 4.70 31.13
CA SER D 59 1.03 5.99 30.90
C SER D 59 -0.15 6.12 31.84
N TYR D 60 -0.42 7.35 32.25
CA TYR D 60 -1.48 7.66 33.21
C TYR D 60 -2.31 8.81 32.71
N THR D 61 -3.58 8.84 33.11
CA THR D 61 -4.35 10.06 33.03
C THR D 61 -3.74 11.08 33.99
N GLY D 62 -3.73 12.34 33.58
CA GLY D 62 -3.10 13.36 34.41
C GLY D 62 -3.64 13.40 35.82
N SER D 63 -4.91 13.04 36.00
CA SER D 63 -5.52 13.16 37.32
C SER D 63 -4.83 12.26 38.34
N VAL D 64 -4.42 11.06 37.93
CA VAL D 64 -3.80 10.10 38.84
C VAL D 64 -2.28 10.02 38.62
N LYS D 65 -1.68 11.07 38.05
CA LYS D 65 -0.24 11.06 37.82
C LYS D 65 0.50 11.26 39.13
N GLY D 66 1.42 10.34 39.44
CA GLY D 66 2.16 10.38 40.67
C GLY D 66 1.48 9.75 41.86
N ARG D 67 0.22 9.34 41.72
CA ARG D 67 -0.54 8.74 42.82
C ARG D 67 -0.76 7.25 42.68
N PHE D 68 -1.07 6.76 41.48
CA PHE D 68 -1.39 5.37 41.25
C PHE D 68 -0.24 4.68 40.55
N THR D 69 0.19 3.54 41.09
CA THR D 69 1.29 2.76 40.52
C THR D 69 0.73 1.46 39.96
N ILE D 70 1.06 1.20 38.70
CA ILE D 70 0.59 0.02 37.99
C ILE D 70 1.77 -0.91 37.76
N SER D 71 1.51 -2.21 37.86
CA SER D 71 2.50 -3.21 37.51
C SER D 71 1.79 -4.51 37.19
N ARG D 72 2.23 -5.16 36.11
CA ARG D 72 1.68 -6.44 35.69
C ARG D 72 2.60 -7.56 36.16
N ASP D 73 2.00 -8.69 36.53
CA ASP D 73 2.72 -9.89 36.93
C ASP D 73 2.33 -11.01 35.98
N ASN D 74 3.17 -11.25 34.97
CA ASN D 74 2.86 -12.28 33.99
C ASN D 74 2.96 -13.67 34.61
N ALA D 75 3.91 -13.88 35.53
CA ALA D 75 4.08 -15.20 36.11
C ALA D 75 2.81 -15.67 36.79
N LYS D 76 2.17 -14.80 37.57
CA LYS D 76 0.90 -15.11 38.21
C LYS D 76 -0.31 -14.66 37.38
N ASN D 77 -0.08 -13.99 36.25
CA ASN D 77 -1.15 -13.58 35.34
C ASN D 77 -2.17 -12.70 36.06
N THR D 78 -1.69 -11.55 36.53
CA THR D 78 -2.52 -10.63 37.30
C THR D 78 -2.00 -9.21 37.12
N LEU D 79 -2.91 -8.25 37.27
CA LEU D 79 -2.62 -6.84 37.06
C LEU D 79 -3.00 -6.07 38.31
N TYR D 80 -2.18 -5.07 38.66
CA TYR D 80 -2.33 -4.34 39.91
C TYR D 80 -2.38 -2.84 39.65
N LEU D 81 -3.00 -2.13 40.58
CA LEU D 81 -3.03 -0.66 40.56
C LEU D 81 -2.85 -0.20 42.01
N GLN D 82 -1.59 -0.04 42.42
CA GLN D 82 -1.29 0.38 43.78
C GLN D 82 -1.65 1.85 43.93
N MET D 83 -2.74 2.12 44.64
CA MET D 83 -3.33 3.44 44.75
C MET D 83 -3.28 3.91 46.20
N ASN D 84 -2.95 5.18 46.39
CA ASN D 84 -2.85 5.75 47.72
C ASN D 84 -3.16 7.24 47.64
N SER D 85 -3.59 7.80 48.78
CA SER D 85 -3.95 9.20 48.88
C SER D 85 -5.14 9.52 47.98
N LEU D 86 -6.20 8.74 48.16
CA LEU D 86 -7.37 8.85 47.30
C LEU D 86 -8.16 10.12 47.63
N LYS D 87 -9.07 10.46 46.72
CA LYS D 87 -9.98 11.57 46.83
C LYS D 87 -11.41 11.06 46.71
N PRO D 88 -12.40 11.83 47.16
CA PRO D 88 -13.79 11.41 46.95
C PRO D 88 -14.18 11.27 45.48
N GLU D 89 -13.46 11.95 44.58
CA GLU D 89 -13.76 11.89 43.16
C GLU D 89 -13.41 10.54 42.52
N ASP D 90 -12.70 9.66 43.23
CA ASP D 90 -12.34 8.36 42.70
C ASP D 90 -13.42 7.30 42.93
N THR D 91 -14.52 7.65 43.58
CA THR D 91 -15.60 6.70 43.78
C THR D 91 -16.24 6.34 42.45
N ALA D 92 -16.13 5.08 42.05
CA ALA D 92 -16.63 4.63 40.76
C ALA D 92 -16.42 3.13 40.66
N VAL D 93 -16.97 2.54 39.60
CA VAL D 93 -16.71 1.14 39.27
C VAL D 93 -15.43 1.11 38.44
N TYR D 94 -14.59 0.12 38.72
CA TYR D 94 -13.31 -0.04 38.03
C TYR D 94 -13.32 -1.33 37.22
N TYR D 95 -13.04 -1.21 35.93
CA TYR D 95 -13.03 -2.33 35.01
C TYR D 95 -11.62 -2.55 34.50
N CYS D 96 -11.30 -3.81 34.21
CA CYS D 96 -10.01 -4.21 33.68
C CYS D 96 -10.20 -4.51 32.19
N ALA D 97 -9.46 -3.83 31.34
CA ALA D 97 -9.66 -3.93 29.89
C ALA D 97 -8.44 -4.56 29.21
N ARG D 98 -8.70 -5.19 28.07
CA ARG D 98 -7.66 -5.86 27.29
C ARG D 98 -7.97 -5.65 25.82
N CYS D 99 -7.33 -4.67 25.18
CA CYS D 99 -7.65 -4.43 23.78
C CYS D 99 -7.28 -5.65 22.93
N PRO D 100 -8.01 -5.86 21.82
CA PRO D 100 -8.17 -7.23 21.29
C PRO D 100 -6.94 -7.80 20.61
N ALA D 101 -6.32 -7.05 19.73
CA ALA D 101 -5.24 -7.60 18.92
C ALA D 101 -4.01 -7.84 19.79
N PRO D 102 -3.36 -9.00 19.71
CA PRO D 102 -2.06 -9.17 20.35
C PRO D 102 -0.96 -8.53 19.53
N PHE D 103 0.24 -8.51 20.10
CA PHE D 103 1.44 -8.00 19.44
C PHE D 103 1.19 -6.60 18.87
N THR D 104 0.56 -5.75 19.67
CA THR D 104 0.26 -4.39 19.24
C THR D 104 0.17 -3.45 20.44
N CYS D 107 -5.40 -0.58 19.84
CA CYS D 107 -6.10 -0.57 21.15
C CYS D 107 -7.27 0.40 21.06
N PHE D 108 -8.35 -0.04 20.41
CA PHE D 108 -9.41 0.85 19.93
C PHE D 108 -10.64 0.93 20.84
N ASP D 109 -11.33 -0.18 21.07
CA ASP D 109 -12.68 -0.13 21.62
C ASP D 109 -12.72 -0.49 23.10
N VAL D 110 -11.69 -0.15 23.87
CA VAL D 110 -11.65 -0.56 25.27
C VAL D 110 -12.69 0.21 26.09
N THR D 111 -12.78 1.53 25.91
CA THR D 111 -13.71 2.34 26.67
C THR D 111 -15.02 2.49 25.89
N SER D 112 -15.55 1.35 25.47
CA SER D 112 -16.74 1.29 24.64
C SER D 112 -17.95 0.98 25.50
N THR D 113 -19.13 1.28 24.94
CA THR D 113 -20.36 1.03 25.68
C THR D 113 -20.56 -0.46 25.92
N THR D 114 -20.31 -1.28 24.90
CA THR D 114 -20.37 -2.74 25.03
C THR D 114 -19.08 -3.31 24.45
N TYR D 115 -18.03 -3.37 25.26
CA TYR D 115 -16.78 -4.02 24.92
C TYR D 115 -16.78 -5.41 25.54
N ALA D 116 -16.32 -6.40 24.78
CA ALA D 116 -16.51 -7.80 25.15
C ALA D 116 -15.35 -8.38 25.94
N TYR D 117 -14.25 -7.65 26.12
CA TYR D 117 -13.04 -8.19 26.72
C TYR D 117 -12.64 -7.42 27.98
N ARG D 118 -13.59 -7.16 28.86
CA ARG D 118 -13.28 -6.55 30.14
C ARG D 118 -14.18 -7.14 31.22
N GLY D 119 -13.74 -7.00 32.47
CA GLY D 119 -14.39 -7.65 33.59
C GLY D 119 -15.68 -6.98 34.01
N GLN D 120 -16.33 -7.61 35.01
CA GLN D 120 -17.56 -7.07 35.57
C GLN D 120 -17.30 -5.90 36.52
N GLY D 121 -16.11 -5.83 37.12
CA GLY D 121 -15.70 -4.67 37.87
C GLY D 121 -16.02 -4.75 39.35
N THR D 122 -15.37 -3.87 40.10
CA THR D 122 -15.50 -3.78 41.56
C THR D 122 -15.78 -2.35 41.95
N GLN D 123 -16.83 -2.14 42.74
CA GLN D 123 -17.23 -0.80 43.15
C GLN D 123 -16.29 -0.31 44.25
N VAL D 124 -15.73 0.87 44.05
CA VAL D 124 -14.80 1.49 45.00
C VAL D 124 -15.42 2.80 45.46
N THR D 125 -15.57 2.96 46.77
CA THR D 125 -16.18 4.14 47.37
C THR D 125 -15.21 4.72 48.38
N VAL D 126 -14.98 6.03 48.29
CA VAL D 126 -14.08 6.72 49.20
C VAL D 126 -14.87 7.57 50.17
N CYS E 24 50.79 14.03 -42.66
CA CYS E 24 50.97 14.46 -41.26
C CYS E 24 51.10 13.25 -40.34
N THR E 25 52.32 12.98 -39.88
CA THR E 25 52.60 11.85 -39.01
C THR E 25 52.37 12.24 -37.56
N ILE E 26 51.71 11.36 -36.81
CA ILE E 26 51.32 11.63 -35.43
C ILE E 26 51.86 10.52 -34.55
N ASP E 27 52.25 10.88 -33.33
CA ASP E 27 52.69 9.92 -32.33
C ASP E 27 51.48 9.55 -31.47
N HIS E 28 50.92 8.38 -31.73
CA HIS E 28 49.66 7.96 -31.10
C HIS E 28 49.88 7.05 -29.90
N THR E 29 51.02 7.16 -29.22
CA THR E 29 51.33 6.23 -28.14
C THR E 29 50.36 6.35 -26.97
N ILE E 30 49.59 7.44 -26.90
CA ILE E 30 48.60 7.57 -25.83
C ILE E 30 47.60 6.44 -25.90
N HIS E 31 47.17 6.08 -27.12
CA HIS E 31 46.29 4.93 -27.27
C HIS E 31 46.85 3.73 -26.54
N GLN E 32 48.01 3.25 -26.97
CA GLN E 32 48.59 2.04 -26.40
C GLN E 32 48.76 2.16 -24.89
N THR E 33 49.23 3.31 -24.41
CA THR E 33 49.52 3.43 -22.99
C THR E 33 48.25 3.41 -22.15
N LEU E 34 47.25 4.21 -22.50
CA LEU E 34 46.15 4.55 -21.61
C LEU E 34 44.79 4.04 -22.07
N ALA E 35 44.51 4.06 -23.37
CA ALA E 35 43.17 3.72 -23.85
C ALA E 35 42.76 2.29 -23.51
N PRO E 36 43.59 1.26 -23.70
CA PRO E 36 43.08 -0.11 -23.50
C PRO E 36 42.59 -0.38 -22.08
N VAL E 37 43.24 0.17 -21.06
CA VAL E 37 42.79 -0.08 -19.70
C VAL E 37 41.43 0.56 -19.45
N VAL E 38 41.22 1.76 -19.98
CA VAL E 38 39.92 2.42 -19.85
C VAL E 38 38.85 1.60 -20.56
N TYR E 39 39.15 1.14 -21.78
CA TYR E 39 38.18 0.32 -22.51
C TYR E 39 37.83 -0.92 -21.71
N VAL E 40 38.84 -1.62 -21.17
CA VAL E 40 38.60 -2.87 -20.47
C VAL E 40 37.76 -2.64 -19.22
N THR E 41 38.17 -1.68 -18.40
CA THR E 41 37.44 -1.43 -17.16
C THR E 41 36.01 -1.00 -17.44
N VAL E 42 35.83 -0.11 -18.41
CA VAL E 42 34.47 0.34 -18.74
C VAL E 42 33.63 -0.86 -19.17
N LEU E 43 34.17 -1.68 -20.06
CA LEU E 43 33.40 -2.80 -20.57
C LEU E 43 32.96 -3.74 -19.45
N VAL E 44 33.92 -4.19 -18.65
CA VAL E 44 33.62 -5.19 -17.63
C VAL E 44 32.69 -4.62 -16.57
N VAL E 45 32.96 -3.40 -16.12
CA VAL E 45 32.17 -2.82 -15.03
C VAL E 45 30.78 -2.40 -15.53
N GLY E 46 30.65 -2.15 -16.83
CA GLY E 46 29.45 -1.51 -17.32
C GLY E 46 28.43 -2.47 -17.92
N PHE E 47 28.89 -3.56 -18.52
CA PHE E 47 27.90 -4.45 -19.12
C PHE E 47 26.95 -5.00 -18.06
N PRO E 48 27.47 -5.56 -16.96
CA PRO E 48 26.55 -6.08 -15.93
C PRO E 48 25.65 -5.02 -15.31
N ALA E 49 26.20 -3.84 -15.04
CA ALA E 49 25.40 -2.79 -14.42
C ALA E 49 24.25 -2.39 -15.31
N ASN E 50 24.49 -2.28 -16.62
CA ASN E 50 23.43 -1.91 -17.54
C ASN E 50 22.40 -3.02 -17.67
N CYS E 51 22.84 -4.29 -17.60
CA CYS E 51 21.87 -5.38 -17.58
C CYS E 51 20.95 -5.30 -16.36
N LEU E 52 21.54 -5.07 -15.19
CA LEU E 52 20.74 -4.93 -13.97
C LEU E 52 19.78 -3.74 -14.08
N SER E 53 20.28 -2.61 -14.60
CA SER E 53 19.44 -1.43 -14.71
C SER E 53 18.27 -1.67 -15.65
N LEU E 54 18.51 -2.37 -16.76
CA LEU E 54 17.43 -2.71 -17.67
C LEU E 54 16.40 -3.59 -16.99
N TYR E 55 16.87 -4.56 -16.19
CA TYR E 55 15.93 -5.40 -15.45
C TYR E 55 15.04 -4.57 -14.52
N PHE E 56 15.64 -3.67 -13.75
CA PHE E 56 14.85 -2.87 -12.82
C PHE E 56 13.90 -1.92 -13.55
N GLY E 57 14.36 -1.36 -14.67
CA GLY E 57 13.48 -0.54 -15.48
C GLY E 57 12.29 -1.31 -16.01
N TYR E 58 12.52 -2.55 -16.42
CA TYR E 58 11.40 -3.39 -16.84
C TYR E 58 10.42 -3.61 -15.70
N LEU E 59 10.92 -3.92 -14.51
CA LEU E 59 10.04 -4.03 -13.35
C LEU E 59 9.23 -2.75 -13.17
N GLN E 60 9.86 -1.60 -13.42
CA GLN E 60 9.11 -0.34 -13.37
C GLN E 60 8.03 -0.28 -14.44
N ILE E 61 8.29 -0.88 -15.61
CA ILE E 61 7.31 -0.83 -16.69
C ILE E 61 6.04 -1.58 -16.31
N LYS E 62 6.18 -2.64 -15.50
CA LYS E 62 5.01 -3.45 -15.14
C LYS E 62 3.95 -2.60 -14.45
N ALA E 63 4.35 -1.72 -13.54
CA ALA E 63 3.44 -0.73 -13.02
C ALA E 63 3.16 0.31 -14.11
N ARG E 64 2.39 1.34 -13.77
CA ARG E 64 2.04 2.37 -14.73
C ARG E 64 3.03 3.53 -14.77
N ASN E 65 4.22 3.36 -14.20
CA ASN E 65 5.17 4.45 -14.12
C ASN E 65 5.86 4.66 -15.46
N GLU E 66 5.93 5.93 -15.90
CA GLU E 66 6.51 6.24 -17.20
C GLU E 66 8.03 6.23 -17.15
N LEU E 67 8.62 6.45 -15.97
CA LEU E 67 10.08 6.53 -15.89
C LEU E 67 10.73 5.25 -16.37
N GLY E 68 9.99 4.14 -16.34
CA GLY E 68 10.52 2.90 -16.88
C GLY E 68 10.84 2.99 -18.35
N VAL E 69 10.00 3.69 -19.11
CA VAL E 69 10.23 3.84 -20.55
C VAL E 69 11.58 4.50 -20.80
N TYR E 70 11.80 5.64 -20.14
CA TYR E 70 13.02 6.41 -20.37
C TYR E 70 14.24 5.67 -19.83
N LEU E 71 14.09 5.00 -18.69
CA LEU E 71 15.22 4.25 -18.15
C LEU E 71 15.62 3.12 -19.08
N CYS E 72 14.64 2.41 -19.63
CA CYS E 72 14.95 1.31 -20.54
C CYS E 72 15.59 1.81 -21.83
N ASN E 73 15.10 2.93 -22.36
CA ASN E 73 15.71 3.49 -23.56
C ASN E 73 17.15 3.93 -23.31
N LEU E 74 17.39 4.59 -22.17
CA LEU E 74 18.75 5.00 -21.83
C LEU E 74 19.67 3.79 -21.66
N THR E 75 19.17 2.75 -21.00
CA THR E 75 19.99 1.55 -20.81
C THR E 75 20.30 0.86 -22.12
N VAL E 76 19.33 0.80 -23.03
CA VAL E 76 19.58 0.19 -24.33
C VAL E 76 20.62 0.99 -25.10
N ALA E 77 20.56 2.32 -25.04
CA ALA E 77 21.58 3.12 -25.69
C ALA E 77 22.96 2.85 -25.10
N ASP E 78 23.03 2.73 -23.77
CA ASP E 78 24.32 2.45 -23.13
C ASP E 78 24.86 1.08 -23.58
N LEU E 79 23.98 0.09 -23.69
CA LEU E 79 24.41 -1.24 -24.14
C LEU E 79 24.90 -1.18 -25.58
N PHE E 80 24.21 -0.41 -26.43
CA PHE E 80 24.69 -0.24 -27.80
C PHE E 80 26.08 0.37 -27.83
N TYR E 81 26.31 1.40 -27.01
CA TYR E 81 27.64 1.99 -26.95
C TYR E 81 28.67 0.97 -26.48
N ILE E 82 28.34 0.18 -25.46
CA ILE E 82 29.29 -0.79 -24.90
C ILE E 82 29.65 -1.84 -25.95
N CYS E 83 28.68 -2.23 -26.77
CA CYS E 83 28.93 -3.28 -27.76
C CYS E 83 30.11 -2.95 -28.66
N SER E 84 30.39 -1.66 -28.89
CA SER E 84 31.41 -1.28 -29.84
C SER E 84 32.82 -1.48 -29.29
N LEU E 85 32.98 -1.35 -27.98
CA LEU E 85 34.32 -1.22 -27.40
C LEU E 85 35.28 -2.33 -27.78
N PRO E 86 34.88 -3.59 -27.92
CA PRO E 86 35.86 -4.62 -28.35
C PRO E 86 36.57 -4.29 -29.66
N PHE E 87 35.85 -3.72 -30.64
CA PHE E 87 36.48 -3.40 -31.92
C PHE E 87 37.54 -2.31 -31.75
N TRP E 88 37.22 -1.27 -30.97
CA TRP E 88 38.19 -0.19 -30.76
C TRP E 88 39.37 -0.66 -29.92
N LEU E 89 39.11 -1.54 -28.95
CA LEU E 89 40.20 -2.10 -28.16
C LEU E 89 41.14 -2.90 -29.05
N GLN E 90 40.60 -3.75 -29.93
CA GLN E 90 41.45 -4.49 -30.84
C GLN E 90 42.24 -3.55 -31.75
N TYR E 91 41.58 -2.53 -32.28
CA TYR E 91 42.24 -1.56 -33.14
C TYR E 91 43.41 -0.90 -32.44
N VAL E 92 43.22 -0.56 -31.16
CA VAL E 92 44.31 0.01 -30.37
C VAL E 92 45.41 -1.02 -30.13
N LEU E 93 45.01 -2.27 -29.91
CA LEU E 93 45.98 -3.31 -29.55
C LEU E 93 46.90 -3.65 -30.71
N GLN E 94 46.40 -3.56 -31.95
CA GLN E 94 47.24 -3.84 -33.11
C GLN E 94 47.87 -2.57 -33.67
N HIS E 95 48.22 -1.61 -32.80
CA HIS E 95 49.05 -0.47 -33.14
C HIS E 95 48.30 0.53 -34.03
N ASP E 96 47.04 0.79 -33.69
CA ASP E 96 46.27 1.85 -34.33
C ASP E 96 46.04 1.56 -35.80
N ASN E 97 45.57 0.34 -36.08
CA ASN E 97 45.41 -0.17 -37.43
C ASN E 97 44.11 -0.96 -37.52
N TRP E 98 43.27 -0.61 -38.49
CA TRP E 98 41.97 -1.26 -38.66
C TRP E 98 42.11 -2.39 -39.67
N SER E 99 41.68 -3.60 -39.29
CA SER E 99 41.89 -4.78 -40.11
C SER E 99 40.61 -5.41 -40.62
N HIS E 100 39.45 -4.80 -40.37
CA HIS E 100 38.18 -5.28 -40.91
C HIS E 100 37.78 -4.42 -42.10
N GLY E 101 36.56 -4.63 -42.60
CA GLY E 101 36.08 -3.83 -43.71
C GLY E 101 35.73 -2.42 -43.28
N ASP E 102 35.39 -1.59 -44.27
CA ASP E 102 35.09 -0.19 -43.99
C ASP E 102 33.72 -0.03 -43.34
N LEU E 103 32.79 -0.96 -43.62
CA LEU E 103 31.48 -0.88 -43.00
C LEU E 103 31.58 -0.97 -41.49
N SER E 104 32.44 -1.87 -40.99
CA SER E 104 32.66 -1.96 -39.55
C SER E 104 33.21 -0.66 -39.01
N CYS E 105 34.13 -0.04 -39.74
CA CYS E 105 34.70 1.23 -39.29
C CYS E 105 33.60 2.29 -39.16
N GLN E 106 32.72 2.37 -40.16
CA GLN E 106 31.67 3.38 -40.13
C GLN E 106 30.70 3.14 -38.98
N VAL E 107 30.25 1.89 -38.82
CA VAL E 107 29.26 1.61 -37.77
C VAL E 107 29.87 1.84 -36.40
N CYS E 108 31.11 1.39 -36.19
CA CYS E 108 31.75 1.57 -34.89
C CYS E 108 32.02 3.04 -34.60
N GLY E 109 32.46 3.80 -35.61
CA GLY E 109 32.66 5.22 -35.41
C GLY E 109 31.37 5.93 -35.04
N ILE E 110 30.27 5.57 -35.70
CA ILE E 110 28.98 6.16 -35.34
C ILE E 110 28.64 5.80 -33.91
N LEU E 111 28.72 4.52 -33.57
CA LEU E 111 28.33 4.08 -32.23
C LEU E 111 29.18 4.72 -31.15
N LEU E 112 30.43 5.08 -31.47
CA LEU E 112 31.29 5.71 -30.47
C LEU E 112 31.01 7.21 -30.36
N TYR E 113 31.00 7.91 -31.49
CA TYR E 113 30.97 9.37 -31.47
C TYR E 113 29.56 9.94 -31.36
N GLU E 114 28.58 9.39 -32.09
CA GLU E 114 27.26 10.00 -32.17
C GLU E 114 26.24 9.32 -31.25
N ASN E 115 26.63 8.27 -30.53
CA ASN E 115 25.68 7.54 -29.69
C ASN E 115 25.59 8.10 -28.29
N ILE E 116 26.39 9.11 -27.95
CA ILE E 116 26.34 9.68 -26.61
C ILE E 116 25.18 10.66 -26.49
N TYR E 117 24.74 11.23 -27.61
CA TYR E 117 23.66 12.21 -27.58
C TYR E 117 22.29 11.58 -27.40
N ILE E 118 22.12 10.31 -27.74
CA ILE E 118 20.90 9.59 -27.37
C ILE E 118 20.77 9.53 -25.86
N SER E 119 21.88 9.17 -25.19
CA SER E 119 21.89 9.12 -23.73
C SER E 119 21.63 10.50 -23.14
N VAL E 120 22.23 11.54 -23.72
CA VAL E 120 21.98 12.90 -23.23
C VAL E 120 20.50 13.27 -23.36
N GLY E 121 19.90 12.97 -24.51
CA GLY E 121 18.48 13.28 -24.69
C GLY E 121 17.60 12.56 -23.71
N PHE E 122 17.91 11.29 -23.41
CA PHE E 122 17.08 10.57 -22.47
C PHE E 122 17.31 11.02 -21.03
N LEU E 123 18.52 11.49 -20.71
CA LEU E 123 18.74 12.12 -19.41
C LEU E 123 17.87 13.35 -19.26
N CYS E 124 17.79 14.16 -20.32
CA CYS E 124 16.93 15.35 -20.26
C CYS E 124 15.47 14.95 -20.08
N CYS E 125 15.03 13.90 -20.77
CA CYS E 125 13.66 13.43 -20.59
C CYS E 125 13.38 13.05 -19.14
N ILE E 126 14.28 12.29 -18.53
CA ILE E 126 14.09 11.89 -17.13
C ILE E 126 14.02 13.11 -16.22
N SER E 127 14.93 14.06 -16.41
CA SER E 127 14.93 15.27 -15.59
C SER E 127 13.61 16.02 -15.69
N VAL E 128 13.11 16.22 -16.91
CA VAL E 128 11.89 17.00 -17.09
C VAL E 128 10.71 16.26 -16.48
N ASP E 129 10.69 14.94 -16.61
CA ASP E 129 9.60 14.16 -16.02
C ASP E 129 9.59 14.33 -14.51
N ARG E 130 10.77 14.27 -13.88
CA ARG E 130 10.84 14.43 -12.43
C ARG E 130 10.41 15.83 -12.01
N TYR E 131 10.79 16.84 -12.78
CA TYR E 131 10.36 18.20 -12.48
C TYR E 131 8.84 18.33 -12.51
N LEU E 132 8.22 17.81 -13.56
CA LEU E 132 6.76 17.90 -13.65
C LEU E 132 6.10 17.16 -12.50
N ALA E 133 6.61 15.97 -12.16
CA ALA E 133 5.99 15.19 -11.10
C ALA E 133 6.10 15.89 -9.75
N VAL E 134 7.25 16.50 -9.46
CA VAL E 134 7.52 17.01 -8.12
C VAL E 134 6.94 18.40 -7.95
N ALA E 135 7.16 19.30 -8.93
CA ALA E 135 6.78 20.69 -8.76
C ALA E 135 5.32 20.96 -9.13
N HIS E 136 4.70 20.13 -9.94
CA HIS E 136 3.31 20.27 -10.33
C HIS E 136 2.61 18.92 -10.16
N PRO E 137 2.20 18.57 -8.94
CA PRO E 137 1.62 17.24 -8.72
C PRO E 137 0.20 17.08 -9.26
N PHE E 138 -0.60 18.15 -9.30
CA PHE E 138 -1.99 18.08 -9.73
C PHE E 138 -2.17 18.58 -11.15
N ARG E 139 -1.22 18.31 -12.05
CA ARG E 139 -1.26 18.85 -13.39
C ARG E 139 -0.60 17.87 -14.35
N PHE E 140 -0.77 18.15 -15.65
CA PHE E 140 -0.05 17.47 -16.72
C PHE E 140 -0.13 15.96 -16.59
N HIS E 141 -1.33 15.45 -16.28
CA HIS E 141 -1.49 14.01 -16.13
C HIS E 141 -1.48 13.31 -17.49
N GLN E 142 -1.89 14.01 -18.55
CA GLN E 142 -1.86 13.40 -19.88
C GLN E 142 -0.45 13.45 -20.47
N PHE E 143 0.32 14.48 -20.15
CA PHE E 143 1.67 14.62 -20.68
C PHE E 143 2.54 13.46 -20.23
N ARG E 144 2.47 13.09 -18.95
CA ARG E 144 3.29 12.00 -18.43
C ARG E 144 2.47 10.72 -18.35
N THR E 145 2.17 10.17 -19.52
CA THR E 145 1.53 8.88 -19.69
C THR E 145 2.38 8.04 -20.63
N LEU E 146 2.20 6.71 -20.57
CA LEU E 146 3.05 5.82 -21.34
C LEU E 146 3.04 6.15 -22.83
N LYS E 147 1.88 6.55 -23.36
CA LYS E 147 1.81 6.87 -24.79
C LYS E 147 2.76 8.00 -25.14
N ALA E 148 2.80 9.05 -24.30
CA ALA E 148 3.74 10.14 -24.53
C ALA E 148 5.18 9.65 -24.43
N ALA E 149 5.45 8.75 -23.48
CA ALA E 149 6.79 8.21 -23.34
C ALA E 149 7.24 7.54 -24.63
N VAL E 150 6.39 6.68 -25.19
CA VAL E 150 6.77 5.96 -26.40
C VAL E 150 6.87 6.90 -27.59
N GLY E 151 6.00 7.91 -27.65
CA GLY E 151 6.11 8.88 -28.73
C GLY E 151 7.45 9.60 -28.70
N VAL E 152 7.85 10.08 -27.53
CA VAL E 152 9.12 10.79 -27.41
C VAL E 152 10.30 9.86 -27.67
N SER E 153 10.23 8.61 -27.23
CA SER E 153 11.31 7.68 -27.47
C SER E 153 11.51 7.41 -28.96
N VAL E 154 10.39 7.23 -29.69
CA VAL E 154 10.48 7.05 -31.14
C VAL E 154 11.07 8.29 -31.79
N VAL E 155 10.62 9.48 -31.35
CA VAL E 155 11.13 10.70 -31.97
C VAL E 155 12.62 10.85 -31.72
N ILE E 156 13.10 10.36 -30.58
CA ILE E 156 14.53 10.46 -30.29
C ILE E 156 15.33 9.49 -31.18
N TRP E 157 14.86 8.24 -31.32
CA TRP E 157 15.59 7.30 -32.17
C TRP E 157 15.55 7.70 -33.65
N ALA E 158 14.56 8.50 -34.05
CA ALA E 158 14.53 8.99 -35.43
C ALA E 158 15.78 9.80 -35.76
N LYS E 159 16.22 10.64 -34.82
CA LYS E 159 17.46 11.39 -35.03
C LYS E 159 18.66 10.47 -35.14
N GLU E 160 18.72 9.41 -34.33
CA GLU E 160 19.78 8.42 -34.50
C GLU E 160 19.82 7.91 -35.93
N LEU E 161 18.67 7.52 -36.47
CA LEU E 161 18.65 7.02 -37.84
C LEU E 161 19.11 8.08 -38.83
N LEU E 162 18.63 9.31 -38.68
CA LEU E 162 18.98 10.37 -39.62
C LEU E 162 20.49 10.62 -39.63
N THR E 163 21.09 10.78 -38.46
CA THR E 163 22.52 11.04 -38.40
C THR E 163 23.33 9.84 -38.85
N SER E 164 22.86 8.63 -38.55
CA SER E 164 23.57 7.44 -39.01
C SER E 164 23.62 7.40 -40.53
N ILE E 165 22.51 7.70 -41.19
CA ILE E 165 22.53 7.75 -42.66
C ILE E 165 23.45 8.86 -43.15
N TYR E 166 23.35 10.04 -42.55
CA TYR E 166 24.19 11.15 -42.96
C TYR E 166 25.66 10.77 -42.91
N PHE E 167 26.10 10.11 -41.84
CA PHE E 167 27.50 9.74 -41.72
C PHE E 167 27.88 8.56 -42.59
N LEU E 168 26.95 7.62 -42.82
CA LEU E 168 27.24 6.51 -43.72
C LEU E 168 27.42 6.99 -45.15
N MET E 169 26.83 8.14 -45.50
CA MET E 169 27.02 8.67 -46.84
C MET E 169 28.48 8.98 -47.12
N HIS E 170 29.22 9.44 -46.10
CA HIS E 170 30.64 9.80 -46.28
C HIS E 170 31.49 8.53 -46.16
N GLU E 171 31.54 7.78 -47.25
CA GLU E 171 32.34 6.56 -47.27
C GLU E 171 33.82 6.86 -47.10
N GLU E 172 34.24 8.09 -47.44
CA GLU E 172 35.64 8.47 -47.30
C GLU E 172 35.96 8.82 -45.85
N VAL E 173 35.70 7.87 -44.96
CA VAL E 173 35.92 8.06 -43.53
C VAL E 173 37.12 7.23 -43.05
N ILE E 174 37.85 6.61 -43.97
CA ILE E 174 39.02 5.80 -43.63
C ILE E 174 40.19 6.26 -44.48
N GLU E 175 41.33 6.47 -43.85
CA GLU E 175 42.54 6.92 -44.51
C GLU E 175 43.68 6.02 -44.06
N ASP E 176 44.89 6.27 -44.57
CA ASP E 176 46.04 5.51 -44.12
C ASP E 176 47.32 6.31 -44.31
N GLU E 177 48.27 6.09 -43.42
CA GLU E 177 49.62 6.63 -43.51
C GLU E 177 50.55 5.68 -42.77
N ASN E 178 51.70 5.38 -43.38
CA ASN E 178 52.62 4.37 -42.86
C ASN E 178 52.06 2.97 -42.98
N GLN E 179 51.06 2.78 -43.85
CA GLN E 179 50.50 1.47 -44.18
C GLN E 179 49.63 0.87 -43.08
N HIS E 180 49.06 1.71 -42.20
CA HIS E 180 48.00 1.25 -41.31
C HIS E 180 46.85 2.25 -41.38
N ARG E 181 45.63 1.74 -41.29
CA ARG E 181 44.43 2.51 -41.62
C ARG E 181 43.81 3.12 -40.37
N VAL E 182 43.51 4.41 -40.45
CA VAL E 182 42.94 5.18 -39.35
C VAL E 182 41.46 5.41 -39.63
N CYS E 183 40.62 5.09 -38.65
CA CYS E 183 39.17 5.16 -38.81
C CYS E 183 38.63 6.37 -38.06
N PHE E 184 37.92 7.24 -38.79
CA PHE E 184 37.13 8.35 -38.23
C PHE E 184 37.99 9.50 -37.74
N GLU E 185 39.21 9.65 -38.24
CA GLU E 185 40.09 10.73 -37.79
C GLU E 185 40.85 11.30 -38.97
N HIS E 186 40.91 12.63 -39.03
CA HIS E 186 41.68 13.33 -40.04
C HIS E 186 42.52 14.39 -39.36
N TYR E 187 43.82 14.39 -39.64
CA TYR E 187 44.74 15.42 -39.15
C TYR E 187 45.38 16.08 -40.36
N PRO E 188 45.08 17.36 -40.66
CA PRO E 188 44.19 18.29 -39.96
C PRO E 188 42.71 18.00 -40.20
N ILE E 189 41.82 18.67 -39.46
CA ILE E 189 40.40 18.41 -39.57
C ILE E 189 39.88 18.78 -40.96
N GLN E 190 38.98 17.94 -41.48
CA GLN E 190 38.37 18.16 -42.79
C GLN E 190 37.25 19.19 -42.67
N ALA E 191 36.76 19.63 -43.82
CA ALA E 191 35.79 20.73 -43.86
C ALA E 191 34.48 20.33 -43.20
N TRP E 192 33.95 19.15 -43.54
CA TRP E 192 32.64 18.78 -43.04
C TRP E 192 32.67 18.48 -41.54
N GLN E 193 33.78 17.94 -41.04
CA GLN E 193 33.92 17.80 -39.59
C GLN E 193 33.91 19.16 -38.91
N ARG E 194 34.61 20.14 -39.49
CA ARG E 194 34.59 21.49 -38.94
C ARG E 194 33.17 22.06 -38.95
N ALA E 195 32.42 21.80 -40.01
CA ALA E 195 31.05 22.30 -40.09
C ALA E 195 30.17 21.66 -39.03
N ILE E 196 30.30 20.33 -38.86
CA ILE E 196 29.39 19.62 -37.97
C ILE E 196 29.75 19.85 -36.51
N ASN E 197 30.99 20.25 -36.22
CA ASN E 197 31.39 20.41 -34.83
C ASN E 197 30.66 21.57 -34.14
N TYR E 198 30.37 22.65 -34.86
CA TYR E 198 29.62 23.76 -34.26
C TYR E 198 28.21 23.33 -33.88
N TYR E 199 27.50 22.71 -34.82
CA TYR E 199 26.16 22.19 -34.55
C TYR E 199 26.20 21.22 -33.38
N ARG E 200 27.18 20.30 -33.40
CA ARG E 200 27.29 19.33 -32.32
C ARG E 200 27.46 20.02 -30.97
N PHE E 201 28.47 20.88 -30.84
CA PHE E 201 28.65 21.62 -29.60
C PHE E 201 27.35 22.26 -29.15
N LEU E 202 26.81 23.17 -29.98
CA LEU E 202 25.64 23.94 -29.56
C LEU E 202 24.51 23.03 -29.11
N VAL E 203 23.95 22.26 -30.04
CA VAL E 203 22.72 21.52 -29.74
C VAL E 203 22.97 20.43 -28.70
N GLY E 204 24.06 19.67 -28.83
CA GLY E 204 24.23 18.52 -27.98
C GLY E 204 24.89 18.80 -26.65
N PHE E 205 25.34 20.04 -26.42
CA PHE E 205 25.87 20.37 -25.09
C PHE E 205 25.12 21.51 -24.44
N LEU E 206 25.00 22.65 -25.12
CA LEU E 206 24.67 23.89 -24.43
C LEU E 206 23.20 23.96 -24.07
N PHE E 207 22.33 23.35 -24.86
CA PHE E 207 20.90 23.36 -24.52
C PHE E 207 20.56 22.29 -23.49
N PRO E 208 21.05 21.05 -23.59
CA PRO E 208 20.78 20.08 -22.53
C PRO E 208 21.24 20.52 -21.15
N ILE E 209 22.37 21.21 -21.03
CA ILE E 209 22.84 21.62 -19.71
C ILE E 209 21.92 22.69 -19.14
N CYS E 210 21.44 23.59 -19.98
CA CYS E 210 20.46 24.56 -19.53
C CYS E 210 19.21 23.87 -19.01
N LEU E 211 18.71 22.89 -19.76
CA LEU E 211 17.52 22.16 -19.31
C LEU E 211 17.76 21.48 -17.96
N LEU E 212 18.90 20.80 -17.82
CA LEU E 212 19.16 20.07 -16.58
C LEU E 212 19.26 21.01 -15.39
N LEU E 213 20.01 22.10 -15.54
CA LEU E 213 20.15 23.05 -14.43
C LEU E 213 18.80 23.63 -14.05
N ALA E 214 18.00 24.03 -15.05
CA ALA E 214 16.70 24.61 -14.75
C ALA E 214 15.81 23.64 -14.01
N SER E 215 15.70 22.41 -14.51
CA SER E 215 14.79 21.45 -13.89
C SER E 215 15.22 21.12 -12.47
N TYR E 216 16.52 20.94 -12.24
CA TYR E 216 16.95 20.54 -10.90
C TYR E 216 16.89 21.71 -9.92
N GLN E 217 17.08 22.93 -10.40
CA GLN E 217 16.85 24.08 -9.52
C GLN E 217 15.38 24.14 -9.10
N GLY E 218 14.46 23.90 -10.03
CA GLY E 218 13.06 23.86 -9.67
C GLY E 218 12.74 22.76 -8.67
N ILE E 219 13.32 21.57 -8.87
CA ILE E 219 13.08 20.47 -7.95
C ILE E 219 13.57 20.81 -6.55
N LEU E 220 14.79 21.34 -6.45
CA LEU E 220 15.33 21.69 -5.13
C LEU E 220 14.49 22.78 -4.47
N ARG E 221 14.05 23.76 -5.25
CA ARG E 221 13.17 24.79 -4.72
C ARG E 221 11.93 24.16 -4.08
N ALA E 222 11.25 23.30 -4.83
CA ALA E 222 10.03 22.68 -4.31
C ALA E 222 10.32 21.85 -3.07
N VAL E 223 11.43 21.11 -3.06
CA VAL E 223 11.70 20.20 -1.96
C VAL E 223 12.02 20.96 -0.68
N ARG E 224 12.84 22.01 -0.78
CA ARG E 224 13.12 22.77 0.44
C ARG E 224 11.92 23.59 0.87
N ARG E 225 11.07 24.01 -0.07
CA ARG E 225 9.82 24.66 0.30
C ARG E 225 8.87 23.71 1.03
N SER E 226 9.15 22.41 0.99
CA SER E 226 8.22 21.42 1.51
C SER E 226 7.96 21.66 2.99
N HIS E 227 6.96 20.95 3.51
CA HIS E 227 6.48 21.14 4.88
C HIS E 227 6.55 19.88 5.72
N GLY E 228 6.19 18.74 5.17
CA GLY E 228 6.18 17.49 5.90
C GLY E 228 7.33 16.56 5.62
N THR E 229 8.40 17.04 4.99
CA THR E 229 9.58 16.22 4.72
C THR E 229 10.68 16.59 5.71
N GLN E 230 11.33 15.57 6.27
CA GLN E 230 12.22 15.77 7.40
C GLN E 230 13.59 16.24 6.94
N LYS E 231 14.29 16.92 7.85
CA LYS E 231 15.57 17.53 7.52
C LYS E 231 16.61 16.50 7.12
N SER E 232 16.43 15.25 7.50
CA SER E 232 17.36 14.20 7.10
C SER E 232 17.36 14.03 5.58
N ARG E 233 16.18 13.99 4.97
CA ARG E 233 16.06 13.80 3.53
C ARG E 233 16.27 15.08 2.76
N LYS E 234 15.94 16.23 3.34
CA LYS E 234 16.04 17.49 2.63
C LYS E 234 17.47 17.76 2.19
N ASP E 235 18.46 17.21 2.91
CA ASP E 235 19.87 17.35 2.56
C ASP E 235 20.37 16.24 1.66
N GLN E 236 19.86 15.02 1.87
CA GLN E 236 20.22 13.89 1.02
C GLN E 236 19.81 14.15 -0.43
N ILE E 237 18.61 14.70 -0.64
CA ILE E 237 18.17 15.00 -2.00
C ILE E 237 19.10 16.01 -2.65
N GLN E 238 19.50 17.04 -1.90
CA GLN E 238 20.38 18.06 -2.45
C GLN E 238 21.73 17.47 -2.83
N ARG E 239 22.26 16.60 -1.97
CA ARG E 239 23.51 15.91 -2.31
C ARG E 239 23.37 15.16 -3.62
N LEU E 240 22.27 14.40 -3.78
CA LEU E 240 22.10 13.59 -4.97
C LEU E 240 22.02 14.47 -6.22
N VAL E 241 21.27 15.57 -6.15
CA VAL E 241 21.10 16.42 -7.32
C VAL E 241 22.43 17.06 -7.72
N LEU E 242 23.17 17.58 -6.74
CA LEU E 242 24.47 18.18 -7.04
C LEU E 242 25.41 17.13 -7.64
N SER E 243 25.39 15.92 -7.09
CA SER E 243 26.24 14.85 -7.61
C SER E 243 25.95 14.57 -9.07
N THR E 244 24.67 14.38 -9.42
CA THR E 244 24.34 14.05 -10.81
C THR E 244 24.74 15.16 -11.76
N VAL E 245 24.43 16.41 -11.41
CA VAL E 245 24.77 17.51 -12.31
C VAL E 245 26.28 17.62 -12.49
N VAL E 246 27.03 17.49 -11.39
CA VAL E 246 28.48 17.63 -11.47
C VAL E 246 29.09 16.52 -12.29
N ILE E 247 28.58 15.29 -12.17
CA ILE E 247 29.16 14.18 -12.90
C ILE E 247 28.90 14.34 -14.40
N PHE E 248 27.69 14.73 -14.77
CA PHE E 248 27.43 15.01 -16.19
C PHE E 248 28.39 16.08 -16.71
N LEU E 249 28.53 17.15 -15.95
CA LEU E 249 29.38 18.26 -16.38
C LEU E 249 30.82 17.81 -16.56
N ALA E 250 31.33 17.04 -15.60
CA ALA E 250 32.72 16.58 -15.67
C ALA E 250 32.92 15.68 -16.87
N CYS E 251 31.96 14.80 -17.15
CA CYS E 251 32.13 13.82 -18.21
C CYS E 251 32.08 14.47 -19.59
N PHE E 252 31.27 15.53 -19.74
CA PHE E 252 30.99 16.05 -21.07
C PHE E 252 31.53 17.45 -21.36
N LEU E 253 32.13 18.15 -20.38
CA LEU E 253 32.59 19.51 -20.65
C LEU E 253 33.92 19.55 -21.41
N PRO E 254 34.98 18.89 -20.93
CA PRO E 254 36.27 19.02 -21.63
C PRO E 254 36.19 18.59 -23.09
N TYR E 255 35.41 17.56 -23.38
CA TYR E 255 35.35 17.04 -24.75
C TYR E 255 34.85 18.11 -25.70
N HIS E 256 33.79 18.82 -25.33
CA HIS E 256 33.22 19.81 -26.22
C HIS E 256 34.05 21.09 -26.26
N VAL E 257 34.72 21.44 -25.17
CA VAL E 257 35.65 22.56 -25.22
C VAL E 257 36.78 22.27 -26.20
N LEU E 258 37.37 21.07 -26.12
CA LEU E 258 38.45 20.70 -27.04
C LEU E 258 37.94 20.54 -28.47
N LEU E 259 36.73 20.00 -28.62
CA LEU E 259 36.10 19.94 -29.93
C LEU E 259 36.06 21.33 -30.56
N LEU E 260 35.60 22.32 -29.80
CA LEU E 260 35.45 23.66 -30.35
C LEU E 260 36.80 24.29 -30.63
N VAL E 261 37.80 24.06 -29.78
CA VAL E 261 39.12 24.64 -30.01
C VAL E 261 39.71 24.06 -31.30
N ARG E 262 39.57 22.76 -31.51
CA ARG E 262 40.03 22.15 -32.76
C ARG E 262 39.30 22.73 -33.95
N SER E 263 37.97 22.82 -33.85
CA SER E 263 37.17 23.31 -34.96
C SER E 263 37.45 24.76 -35.29
N VAL E 264 37.94 25.54 -34.34
CA VAL E 264 38.20 26.96 -34.55
C VAL E 264 39.62 27.21 -35.06
N TRP E 265 40.62 26.59 -34.45
CA TRP E 265 42.00 26.97 -34.72
C TRP E 265 42.75 25.96 -35.59
N GLU E 266 42.59 24.66 -35.35
CA GLU E 266 43.43 23.67 -36.02
C GLU E 266 43.33 23.76 -37.54
N ALA E 267 44.43 24.17 -38.17
CA ALA E 267 44.52 24.21 -39.62
C ALA E 267 45.90 23.81 -40.12
N SER E 268 46.68 23.11 -39.30
CA SER E 268 48.05 22.74 -39.66
C SER E 268 48.38 21.42 -38.99
N CYS E 269 49.45 20.79 -39.49
CA CYS E 269 49.86 19.50 -38.93
C CYS E 269 50.49 19.67 -37.55
N ASP E 270 51.24 20.75 -37.35
CA ASP E 270 51.90 20.96 -36.06
C ASP E 270 50.87 21.15 -34.94
N PHE E 271 49.83 21.95 -35.20
CA PHE E 271 48.80 22.14 -34.19
C PHE E 271 48.08 20.83 -33.88
N ALA E 272 47.83 20.03 -34.91
CA ALA E 272 47.16 18.75 -34.72
C ALA E 272 48.00 17.83 -33.83
N LYS E 273 49.27 17.66 -34.17
CA LYS E 273 50.14 16.81 -33.36
C LYS E 273 50.42 17.40 -32.00
N GLY E 274 50.19 18.69 -31.80
CA GLY E 274 50.28 19.28 -30.48
C GLY E 274 49.09 18.97 -29.61
N VAL E 275 47.88 19.12 -30.17
CA VAL E 275 46.66 18.90 -29.39
C VAL E 275 46.35 17.43 -29.22
N PHE E 276 46.91 16.56 -30.07
CA PHE E 276 46.50 15.16 -30.13
C PHE E 276 46.22 14.56 -28.75
N ASN E 277 47.19 14.66 -27.84
CA ASN E 277 47.07 13.97 -26.55
C ASN E 277 45.93 14.54 -25.72
N ALA E 278 45.83 15.87 -25.64
CA ALA E 278 44.77 16.49 -24.85
C ALA E 278 43.40 16.17 -25.45
N TYR E 279 43.28 16.27 -26.77
CA TYR E 279 42.02 15.97 -27.44
C TYR E 279 41.58 14.53 -27.18
N HIS E 280 42.49 13.58 -27.32
CA HIS E 280 42.09 12.19 -27.17
C HIS E 280 41.90 11.82 -25.70
N PHE E 281 42.61 12.49 -24.78
CA PHE E 281 42.34 12.28 -23.37
C PHE E 281 40.95 12.76 -23.00
N SER E 282 40.54 13.92 -23.51
CA SER E 282 39.22 14.44 -23.22
C SER E 282 38.14 13.60 -23.89
N LEU E 283 38.47 12.97 -25.02
CA LEU E 283 37.55 12.03 -25.65
C LEU E 283 37.45 10.71 -24.89
N LEU E 284 38.49 10.30 -24.15
CA LEU E 284 38.39 9.09 -23.35
C LEU E 284 37.56 9.27 -22.08
N LEU E 285 37.33 10.51 -21.65
CA LEU E 285 36.50 10.74 -20.47
C LEU E 285 35.03 10.49 -20.76
N THR E 286 34.60 10.68 -22.00
CA THR E 286 33.18 10.58 -22.34
C THR E 286 32.64 9.17 -22.20
N SER E 287 33.50 8.16 -22.02
CA SER E 287 33.08 6.77 -21.99
C SER E 287 32.69 6.31 -20.60
N PHE E 288 32.76 7.18 -19.60
CA PHE E 288 32.37 6.83 -18.24
C PHE E 288 30.91 7.15 -17.95
N ASN E 289 30.22 7.80 -18.88
CA ASN E 289 28.80 8.06 -18.70
C ASN E 289 28.02 6.76 -18.64
N CYS E 290 28.38 5.79 -19.47
CA CYS E 290 27.65 4.53 -19.51
C CYS E 290 27.74 3.80 -18.16
N VAL E 291 28.74 4.12 -17.37
CA VAL E 291 28.94 3.51 -16.06
C VAL E 291 28.23 4.35 -15.00
N ALA E 292 28.35 5.67 -15.10
CA ALA E 292 27.72 6.53 -14.10
C ALA E 292 26.20 6.54 -14.21
N ASP E 293 25.64 6.23 -15.38
CA ASP E 293 24.19 6.35 -15.56
C ASP E 293 23.40 5.39 -14.68
N PRO E 294 23.67 4.08 -14.67
CA PRO E 294 22.94 3.19 -13.77
C PRO E 294 23.04 3.63 -12.31
N VAL E 295 24.27 3.95 -11.87
CA VAL E 295 24.47 4.32 -10.48
C VAL E 295 23.57 5.48 -10.10
N LEU E 296 23.54 6.52 -10.92
CA LEU E 296 22.82 7.73 -10.57
C LEU E 296 21.32 7.62 -10.77
N TYR E 297 20.84 6.72 -11.61
CA TYR E 297 19.44 6.74 -12.00
C TYR E 297 18.63 5.53 -11.59
N CYS E 298 19.26 4.42 -11.21
CA CYS E 298 18.53 3.24 -10.75
C CYS E 298 18.91 2.81 -9.34
N PHE E 299 20.21 2.69 -9.05
CA PHE E 299 20.62 2.04 -7.81
C PHE E 299 20.39 2.92 -6.59
N VAL E 300 20.34 4.24 -6.77
CA VAL E 300 20.08 5.12 -5.63
C VAL E 300 18.68 4.89 -5.07
N SER E 301 17.71 4.58 -5.93
CA SER E 301 16.35 4.37 -5.47
C SER E 301 16.30 3.24 -4.45
N GLU E 302 15.56 3.47 -3.36
CA GLU E 302 15.51 2.52 -2.26
C GLU E 302 14.78 1.23 -2.63
N THR E 303 13.88 1.26 -3.62
CA THR E 303 13.12 0.07 -3.95
C THR E 303 14.04 -1.08 -4.39
N THR E 304 15.05 -0.77 -5.18
CA THR E 304 16.03 -1.76 -5.63
C THR E 304 17.15 -1.96 -4.62
N HIS E 305 17.13 -1.23 -3.51
CA HIS E 305 18.26 -1.25 -2.59
C HIS E 305 18.34 -2.59 -1.87
N ARG E 306 17.22 -3.06 -1.33
CA ARG E 306 17.20 -4.33 -0.63
C ARG E 306 17.34 -5.50 -1.61
N ASP E 307 16.70 -5.40 -2.76
CA ASP E 307 16.86 -6.45 -3.78
C ASP E 307 18.31 -6.53 -4.23
N LEU E 308 18.96 -5.38 -4.40
CA LEU E 308 20.38 -5.33 -4.73
C LEU E 308 21.20 -5.38 -3.45
CAA Y01 F . 23.51 16.14 -34.86
CBA Y01 F . 24.24 15.97 -33.54
CAB Y01 F . 25.64 16.58 -33.64
CAN Y01 F . 23.49 16.58 -32.35
CAJ Y01 F . 22.84 15.56 -31.44
CAO Y01 F . 22.14 16.20 -30.25
CBB Y01 F . 20.60 16.38 -30.32
CAC Y01 F . 19.89 16.45 -31.68
CBE Y01 F . 19.79 16.11 -29.04
CAP Y01 F . 20.55 16.55 -27.76
CAQ Y01 F . 19.49 17.02 -26.75
CBG Y01 F . 18.19 16.56 -27.37
CBI Y01 F . 18.39 16.76 -28.88
CAE Y01 F . 18.41 18.24 -29.25
CAU Y01 F . 17.23 16.03 -29.55
CAS Y01 F . 15.86 16.47 -29.03
CBF Y01 F . 15.73 16.38 -27.50
CBD Y01 F . 16.89 17.10 -26.81
CAK Y01 F . 16.86 16.89 -25.30
CAI Y01 F . 15.48 16.88 -24.74
CAZ Y01 F . 14.37 16.97 -25.46
CAV Y01 F . 13.05 17.14 -24.76
CBH Y01 F . 14.34 16.80 -26.96
CAD Y01 F . 13.84 18.10 -27.59
CAT Y01 F . 13.33 15.66 -27.27
CAR Y01 F . 11.98 15.82 -26.60
CBC Y01 F . 12.12 15.99 -25.10
OAW Y01 F . 10.81 16.25 -24.59
CAY Y01 F . 10.55 16.16 -23.29
OAG Y01 F . 11.38 16.30 -22.44
CAM Y01 F . 9.08 15.88 -23.08
CAL Y01 F . 8.62 15.92 -21.64
CAX Y01 F . 8.67 14.57 -20.92
OAH Y01 F . 7.70 14.31 -20.19
OAF Y01 F . 9.66 13.84 -21.11
HAA1 Y01 F . 22.62 15.75 -34.84
HAA2 Y01 F . 24.00 15.70 -35.58
HAA3 Y01 F . 23.41 17.08 -35.10
HBA Y01 F . 24.35 15.03 -33.36
HAB1 Y01 F . 25.59 17.51 -33.90
HAB2 Y01 F . 26.10 16.53 -32.79
HAB3 Y01 F . 26.18 16.12 -34.30
HAN1 Y01 F . 24.09 17.13 -31.84
HAN2 Y01 F . 22.81 17.19 -32.70
HAJ1 Y01 F . 22.20 15.03 -31.93
HAJ2 Y01 F . 23.52 14.94 -31.14
HAO1 Y01 F . 22.33 15.66 -29.46
HAO2 Y01 F . 22.56 17.06 -30.08
HBB Y01 F . 20.58 15.42 -30.45
HAC1 Y01 F . 19.22 15.76 -31.78
HAC2 Y01 F . 19.45 17.30 -31.82
HAC3 Y01 F . 20.52 16.34 -32.41
HBE Y01 F . 19.65 15.15 -29.00
HAP1 Y01 F . 21.07 15.81 -27.40
HAP2 Y01 F . 21.18 17.25 -27.96
HAQ1 Y01 F . 19.64 16.67 -25.87
HAQ2 Y01 F . 19.51 17.99 -26.66
HBG Y01 F . 18.15 15.60 -27.23
HBD Y01 F . 16.83 18.06 -26.97
HAE1 Y01 F . 17.59 18.68 -28.97
HAE2 Y01 F . 19.14 18.72 -28.84
HAE3 Y01 F . 18.49 18.37 -30.21
HAU1 Y01 F . 17.24 16.15 -30.52
HAU2 Y01 F . 17.34 15.07 -29.41
HAS1 Y01 F . 15.70 17.38 -29.32
HAS2 Y01 F . 15.17 15.93 -29.45
HBF Y01 F . 15.83 15.44 -27.26
HAK1 Y01 F . 17.28 16.04 -25.09
HAK2 Y01 F . 17.39 17.56 -24.85
HAI Y01 F . 15.42 16.97 -23.82
HAV1 Y01 F . 13.19 17.21 -23.81
HAV2 Y01 F . 12.62 17.97 -25.05
HBC Y01 F . 12.46 15.17 -24.71
HAD1 Y01 F . 13.64 17.99 -28.53
HAD2 Y01 F . 13.02 18.41 -27.18
HAD3 Y01 F . 14.49 18.82 -27.50
HAT1 Y01 F . 13.21 15.59 -28.23
HAT2 Y01 F . 13.72 14.82 -26.98
HAR1 Y01 F . 11.51 16.59 -26.96
HAR2 Y01 F . 11.44 15.04 -26.79
HAM1 Y01 F . 8.59 16.52 -23.61
HAM2 Y01 F . 8.88 15.02 -23.48
HAL1 Y01 F . 9.14 16.55 -21.14
HAL2 Y01 F . 7.70 16.24 -21.60
#